data_4S04
#
_entry.id   4S04
#
_cell.length_a   194.327
_cell.length_b   250.761
_cell.length_c   108.944
_cell.angle_alpha   90.00
_cell.angle_beta   90.00
_cell.angle_gamma   90.00
#
_symmetry.space_group_name_H-M   'C 2 2 2'
#
loop_
_entity.id
_entity.type
_entity.pdbx_description
1 polymer 'DNA-binding transcriptional regulator BasR'
2 polymer 'DNA (25-MER)'
3 polymer 'DNA (25-MER)'
4 non-polymer 'BERYLLIUM TRIFLUORIDE ION'
5 non-polymer 'MAGNESIUM ION'
6 water water
#
loop_
_entity_poly.entity_id
_entity_poly.type
_entity_poly.pdbx_seq_one_letter_code
_entity_poly.pdbx_strand_id
1 'polypeptide(L)'
;MKILVIEDDALLLQGLILAMQSEGYVCDGVSTAHEAALSLASNHYSLIVLDLGLPDEDGLHFLSRMRREKMTQPVLILTA
RDTLEDRISGLDTGADDYLVKPFALEELNARIRALLRRHNNQGDNEISVGNLRLNVTRRLVWLGETALDLTPKEYALLSR
LMMKAGSPVHREILYNDIYSGDNEPATNTLEVHIHNLREKIGKSRIRTVRGFGYMLANNDDTEHLEHHHHHH
;
A,B,E,F
2 'polydeoxyribonucleotide'
;(DA)(DT)(DT)(DT)(DC)(DT)(DT)(DA)(DA)(DT)(DA)(DT)(DT)(DA)(DT)(DC)(DC)(DT)(DA)(DA)
(DG)(DC)(DA)(DA)(DG)
;
C,G
3 'polydeoxyribonucleotide'
;(DT)(DT)(DG)(DC)(DT)(DT)(DA)(DG)(DG)(DA)(DT)(DA)(DA)(DT)(DA)(DT)(DT)(DA)(DA)(DG)
(DA)(DA)(DA)(DT)(DC)
;
D,H
#
loop_
_chem_comp.id
_chem_comp.type
_chem_comp.name
_chem_comp.formula
BEF non-polymer 'BERYLLIUM TRIFLUORIDE ION' 'Be F3 -1'
DA DNA linking 2'-DEOXYADENOSINE-5'-MONOPHOSPHATE 'C10 H14 N5 O6 P'
DC DNA linking 2'-DEOXYCYTIDINE-5'-MONOPHOSPHATE 'C9 H14 N3 O7 P'
DG DNA linking 2'-DEOXYGUANOSINE-5'-MONOPHOSPHATE 'C10 H14 N5 O7 P'
DT DNA linking THYMIDINE-5'-MONOPHOSPHATE 'C10 H15 N2 O8 P'
MG non-polymer 'MAGNESIUM ION' 'Mg 2'
#
# COMPACT_ATOMS: atom_id res chain seq x y z
N MET A 1 45.70 -7.55 15.26
CA MET A 1 45.27 -6.37 16.01
C MET A 1 46.27 -5.22 16.04
N LYS A 2 45.79 -3.98 16.16
CA LYS A 2 46.67 -2.81 16.03
C LYS A 2 46.99 -2.08 17.32
N ILE A 3 48.26 -1.92 17.63
CA ILE A 3 48.64 -1.20 18.82
C ILE A 3 49.24 0.14 18.48
N LEU A 4 48.79 1.21 19.12
CA LEU A 4 49.47 2.48 19.00
C LEU A 4 50.52 2.56 20.09
N VAL A 5 51.72 3.02 19.78
CA VAL A 5 52.76 3.26 20.78
C VAL A 5 53.08 4.73 20.78
N ILE A 6 53.19 5.36 21.93
CA ILE A 6 53.53 6.78 21.92
C ILE A 6 54.82 7.05 22.68
N GLU A 7 55.90 7.37 21.99
CA GLU A 7 57.19 7.56 22.67
C GLU A 7 58.04 8.72 22.15
N ASP A 8 58.52 9.56 23.05
CA ASP A 8 59.28 10.73 22.61
C ASP A 8 60.68 10.31 22.24
N ASP A 9 61.22 9.31 22.91
CA ASP A 9 62.56 8.86 22.57
C ASP A 9 62.42 7.92 21.41
N ALA A 10 62.95 8.34 20.26
CA ALA A 10 62.65 7.63 19.03
C ALA A 10 63.41 6.33 18.93
N LEU A 11 64.54 6.26 19.64
CA LEU A 11 65.35 5.04 19.66
C LEU A 11 64.54 3.90 20.27
N LEU A 12 63.90 4.19 21.39
CA LEU A 12 63.01 3.23 22.03
C LEU A 12 61.77 3.05 21.16
N LEU A 13 61.24 4.18 20.68
CA LEU A 13 60.03 4.15 19.86
C LEU A 13 60.15 3.18 18.71
N GLN A 14 61.26 3.26 17.97
CA GLN A 14 61.42 2.34 16.87
C GLN A 14 61.54 0.93 17.42
N GLY A 15 62.07 0.84 18.64
CA GLY A 15 62.27 -0.44 19.28
C GLY A 15 60.98 -1.14 19.63
N LEU A 16 60.13 -0.43 20.38
CA LEU A 16 58.86 -0.96 20.83
C LEU A 16 58.07 -1.49 19.66
N ILE A 17 58.09 -0.72 18.58
CA ILE A 17 57.34 -1.06 17.39
C ILE A 17 57.66 -2.47 16.90
N LEU A 18 58.93 -2.76 16.67
CA LEU A 18 59.37 -4.09 16.23
C LEU A 18 58.93 -5.16 17.20
N ALA A 19 59.00 -4.82 18.49
CA ALA A 19 58.58 -5.73 19.55
C ALA A 19 57.12 -6.09 19.37
N MET A 20 56.29 -5.05 19.19
CA MET A 20 54.84 -5.22 19.02
C MET A 20 54.52 -5.98 17.76
N GLN A 21 55.19 -5.63 16.68
CA GLN A 21 54.99 -6.30 15.41
C GLN A 21 55.31 -7.77 15.57
N SER A 22 56.46 -8.07 16.18
CA SER A 22 56.90 -9.45 16.30
C SER A 22 55.92 -10.33 17.07
N GLU A 23 55.20 -9.74 18.02
CA GLU A 23 54.22 -10.50 18.79
C GLU A 23 52.97 -10.87 17.98
N GLY A 24 52.82 -10.31 16.79
CA GLY A 24 51.69 -10.67 15.94
C GLY A 24 50.67 -9.55 15.80
N TYR A 25 50.90 -8.48 16.55
CA TYR A 25 50.08 -7.29 16.42
C TYR A 25 50.60 -6.52 15.21
N VAL A 26 49.76 -5.70 14.57
CA VAL A 26 50.25 -4.70 13.60
C VAL A 26 50.37 -3.41 14.37
N CYS A 27 51.34 -2.57 14.02
CA CYS A 27 51.60 -1.43 14.89
C CYS A 27 51.83 -0.07 14.20
N ASP A 28 51.52 1.01 14.94
CA ASP A 28 51.83 2.41 14.56
C ASP A 28 52.62 3.06 15.67
N GLY A 29 53.80 3.63 15.44
CA GLY A 29 54.39 4.40 16.52
C GLY A 29 54.35 5.88 16.22
N VAL A 30 54.33 6.73 17.24
CA VAL A 30 54.31 8.16 17.00
C VAL A 30 55.15 8.79 18.07
N SER A 31 55.77 9.92 17.76
CA SER A 31 56.71 10.49 18.69
C SER A 31 56.13 11.58 19.59
N THR A 32 54.88 11.97 19.36
CA THR A 32 54.29 13.05 20.15
C THR A 32 52.80 12.85 20.43
N ALA A 33 52.30 13.64 21.37
CA ALA A 33 50.89 13.64 21.72
C ALA A 33 50.00 14.05 20.55
N HIS A 34 50.33 15.16 19.91
CA HIS A 34 49.47 15.66 18.83
C HIS A 34 49.41 14.64 17.73
N GLU A 35 50.55 14.04 17.39
CA GLU A 35 50.52 13.01 16.35
C GLU A 35 49.61 11.88 16.80
N ALA A 36 49.69 11.55 18.08
CA ALA A 36 48.85 10.50 18.63
C ALA A 36 47.38 10.87 18.52
N ALA A 37 47.06 12.10 18.92
CA ALA A 37 45.69 12.60 18.83
C ALA A 37 45.06 12.39 17.44
N LEU A 38 45.76 12.81 16.40
CA LEU A 38 45.26 12.69 15.03
C LEU A 38 45.11 11.24 14.60
N SER A 39 46.06 10.40 15.01
CA SER A 39 46.07 8.98 14.64
C SER A 39 44.89 8.21 15.21
N LEU A 40 44.53 8.55 16.45
CA LEU A 40 43.41 7.92 17.14
C LEU A 40 42.11 8.18 16.42
N ALA A 41 41.96 9.39 15.90
CA ALA A 41 40.75 9.74 15.17
C ALA A 41 40.58 8.85 13.92
N SER A 42 41.65 8.64 13.18
CA SER A 42 41.56 7.98 11.89
C SER A 42 41.53 6.45 11.95
N ASN A 43 42.28 5.90 12.88
CA ASN A 43 42.47 4.46 12.94
C ASN A 43 41.83 3.84 14.15
N HIS A 44 41.62 2.53 14.11
CA HIS A 44 41.06 1.88 15.28
C HIS A 44 42.13 1.04 15.99
N TYR A 45 42.59 1.53 17.13
CA TYR A 45 43.65 0.84 17.84
C TYR A 45 43.07 -0.03 18.94
N SER A 46 43.66 -1.21 19.11
CA SER A 46 43.19 -2.15 20.09
C SER A 46 43.83 -1.93 21.47
N LEU A 47 44.91 -1.14 21.53
CA LEU A 47 45.59 -0.79 22.78
C LEU A 47 46.54 0.35 22.54
N ILE A 48 46.91 1.08 23.57
CA ILE A 48 47.81 2.22 23.42
C ILE A 48 48.87 2.19 24.49
N VAL A 49 50.12 2.16 24.13
CA VAL A 49 51.16 2.30 25.12
C VAL A 49 51.51 3.75 25.16
N LEU A 50 51.56 4.37 26.31
CA LEU A 50 51.69 5.81 26.30
C LEU A 50 52.78 6.26 27.22
N ASP A 51 53.82 6.88 26.69
CA ASP A 51 54.87 7.50 27.50
C ASP A 51 54.32 8.79 28.10
N LEU A 52 54.87 9.18 29.25
CA LEU A 52 54.51 10.44 29.87
C LEU A 52 55.36 11.64 29.41
N GLY A 53 56.68 11.56 29.54
CA GLY A 53 57.48 12.71 29.13
C GLY A 53 57.43 12.75 27.61
N LEU A 54 56.83 13.82 27.10
CA LEU A 54 56.55 14.00 25.69
C LEU A 54 56.71 15.46 25.37
N PRO A 55 57.19 15.79 24.16
CA PRO A 55 57.47 17.19 23.80
C PRO A 55 56.28 18.18 23.81
N ASP A 56 55.10 17.85 23.28
CA ASP A 56 54.02 18.85 23.17
C ASP A 56 53.24 19.06 24.47
N GLU A 57 52.65 17.99 24.99
CA GLU A 57 51.83 18.04 26.21
C GLU A 57 51.99 16.69 26.92
N ASP A 58 51.89 16.71 28.24
CA ASP A 58 52.14 15.52 29.06
C ASP A 58 51.06 14.48 28.84
N GLY A 59 51.49 13.22 28.76
CA GLY A 59 50.62 12.11 28.45
C GLY A 59 49.33 12.10 29.26
N LEU A 60 49.46 12.48 30.53
CA LEU A 60 48.33 12.52 31.44
C LEU A 60 47.27 13.48 30.92
N HIS A 61 47.71 14.61 30.38
CA HIS A 61 46.76 15.55 29.80
C HIS A 61 46.06 14.93 28.60
N PHE A 62 46.82 14.18 27.82
CA PHE A 62 46.27 13.49 26.66
C PHE A 62 45.30 12.41 27.09
N LEU A 63 45.70 11.64 28.10
CA LEU A 63 44.90 10.55 28.63
C LEU A 63 43.63 11.06 29.25
N SER A 64 43.75 12.07 30.11
CA SER A 64 42.57 12.61 30.77
C SER A 64 41.56 13.00 29.71
N ARG A 65 42.05 13.67 28.65
CA ARG A 65 41.18 14.13 27.56
C ARG A 65 40.56 12.98 26.78
N MET A 66 41.31 11.91 26.60
CA MET A 66 40.76 10.77 25.89
C MET A 66 39.60 10.23 26.68
N ARG A 67 39.82 10.18 27.99
CA ARG A 67 38.85 9.60 28.89
C ARG A 67 37.66 10.51 29.03
N ARG A 68 37.93 11.80 28.97
CA ARG A 68 36.86 12.78 29.02
C ARG A 68 35.92 12.57 27.85
N GLU A 69 36.49 12.24 26.69
CA GLU A 69 35.75 12.08 25.44
C GLU A 69 35.21 10.67 25.25
N LYS A 70 35.29 9.89 26.32
CA LYS A 70 34.74 8.54 26.33
C LYS A 70 35.50 7.64 25.36
N MET A 71 36.82 7.71 25.41
CA MET A 71 37.69 6.80 24.68
C MET A 71 37.93 5.60 25.57
N THR A 72 37.48 4.45 25.09
CA THR A 72 37.42 3.26 25.91
C THR A 72 38.60 2.32 25.72
N GLN A 73 39.69 2.78 25.11
CA GLN A 73 40.72 1.82 24.78
C GLN A 73 41.59 1.63 26.02
N PRO A 74 42.15 0.42 26.17
CA PRO A 74 43.04 0.11 27.28
C PRO A 74 44.32 0.88 27.06
N VAL A 75 44.87 1.51 28.07
CA VAL A 75 46.06 2.29 27.88
C VAL A 75 47.09 1.77 28.84
N LEU A 76 48.28 1.46 28.40
CA LEU A 76 49.32 1.11 29.34
C LEU A 76 50.37 2.18 29.38
N ILE A 77 50.46 2.93 30.46
CA ILE A 77 51.54 3.87 30.58
C ILE A 77 52.84 3.11 30.73
N LEU A 78 53.82 3.42 29.90
CA LEU A 78 55.16 2.93 30.11
C LEU A 78 56.01 4.16 30.23
N THR A 79 56.45 4.45 31.44
CA THR A 79 57.05 5.75 31.71
C THR A 79 58.34 5.58 32.48
N ALA A 80 59.10 6.66 32.53
CA ALA A 80 60.26 6.68 33.40
C ALA A 80 59.94 7.35 34.72
N ARG A 81 58.70 7.78 34.94
CA ARG A 81 58.41 8.46 36.19
C ARG A 81 57.93 7.46 37.24
N ASP A 82 58.83 7.12 38.17
CA ASP A 82 58.63 6.00 39.10
C ASP A 82 58.24 6.19 40.57
N THR A 83 58.11 7.42 41.08
CA THR A 83 57.72 7.50 42.48
C THR A 83 56.31 6.95 42.59
N LEU A 84 56.03 6.32 43.72
CA LEU A 84 54.72 5.78 44.03
C LEU A 84 53.60 6.79 43.82
N GLU A 85 53.88 8.07 44.11
CA GLU A 85 52.87 9.10 43.90
C GLU A 85 52.49 9.18 42.43
N ASP A 86 53.48 8.99 41.56
CA ASP A 86 53.25 9.04 40.12
C ASP A 86 52.43 7.84 39.68
N ARG A 87 52.82 6.66 40.15
CA ARG A 87 52.19 5.40 39.74
C ARG A 87 50.70 5.42 40.04
N ILE A 88 50.36 5.93 41.21
CA ILE A 88 48.97 5.99 41.61
C ILE A 88 48.23 6.95 40.71
N SER A 89 48.86 8.09 40.42
CA SER A 89 48.24 9.14 39.61
C SER A 89 47.86 8.70 38.21
N GLY A 90 48.72 7.88 37.61
CA GLY A 90 48.49 7.41 36.27
C GLY A 90 47.28 6.52 36.24
N LEU A 91 47.22 5.60 37.19
CA LEU A 91 46.17 4.60 37.23
C LEU A 91 44.84 5.27 37.53
N ASP A 92 44.93 6.38 38.24
CA ASP A 92 43.76 7.13 38.66
C ASP A 92 43.27 8.10 37.59
N THR A 93 44.05 8.30 36.53
CA THR A 93 43.62 9.22 35.48
C THR A 93 42.45 8.75 34.58
N GLY A 94 42.40 7.49 34.12
CA GLY A 94 43.43 6.48 34.32
C GLY A 94 43.75 5.43 33.27
N ALA A 95 44.98 4.95 33.41
CA ALA A 95 45.58 3.88 32.64
C ALA A 95 45.00 2.56 33.12
N ASP A 96 45.13 1.51 32.33
CA ASP A 96 44.70 0.21 32.84
C ASP A 96 45.89 -0.53 33.47
N ASP A 97 47.09 0.01 33.29
CA ASP A 97 48.30 -0.47 33.95
C ASP A 97 49.35 0.61 33.91
N TYR A 98 50.39 0.50 34.72
CA TYR A 98 51.48 1.47 34.73
C TYR A 98 52.80 0.73 34.89
N LEU A 99 53.72 0.91 33.93
CA LEU A 99 54.97 0.16 33.93
C LEU A 99 56.20 1.05 33.87
N VAL A 100 57.06 0.96 34.85
CA VAL A 100 58.21 1.87 34.95
C VAL A 100 59.40 1.41 34.12
N LYS A 101 60.14 2.40 33.60
CA LYS A 101 61.40 2.23 32.88
C LYS A 101 62.57 2.19 33.88
N PRO A 102 63.52 1.28 33.67
CA PRO A 102 63.63 0.34 32.54
C PRO A 102 62.65 -0.79 32.77
N PHE A 103 62.42 -1.62 31.76
CA PHE A 103 61.40 -2.64 31.89
C PHE A 103 61.90 -3.86 31.16
N ALA A 104 61.42 -5.01 31.58
CA ALA A 104 61.62 -6.23 30.79
C ALA A 104 60.65 -6.13 29.66
N LEU A 105 61.10 -6.39 28.44
CA LEU A 105 60.18 -6.37 27.33
C LEU A 105 59.14 -7.46 27.55
N GLU A 106 59.61 -8.62 27.97
CA GLU A 106 58.72 -9.76 28.09
C GLU A 106 57.65 -9.55 29.17
N GLU A 107 57.92 -8.69 30.16
CA GLU A 107 56.88 -8.30 31.09
C GLU A 107 55.85 -7.46 30.35
N LEU A 108 56.32 -6.48 29.59
CA LEU A 108 55.44 -5.59 28.84
C LEU A 108 54.54 -6.39 27.93
N ASN A 109 55.13 -7.29 27.15
CA ASN A 109 54.36 -8.10 26.20
C ASN A 109 53.24 -8.89 26.90
N ALA A 110 53.55 -9.37 28.10
CA ALA A 110 52.63 -10.20 28.86
C ALA A 110 51.54 -9.36 29.53
N ARG A 111 51.91 -8.18 30.00
CA ARG A 111 50.92 -7.26 30.54
C ARG A 111 49.94 -6.82 29.44
N ILE A 112 50.49 -6.50 28.27
CA ILE A 112 49.69 -6.12 27.13
C ILE A 112 48.78 -7.27 26.78
N ARG A 113 49.31 -8.49 26.71
CA ARG A 113 48.49 -9.65 26.42
C ARG A 113 47.34 -9.75 27.41
N ALA A 114 47.63 -9.36 28.65
CA ALA A 114 46.65 -9.45 29.71
C ALA A 114 45.53 -8.45 29.58
N LEU A 115 45.83 -7.26 29.06
CA LEU A 115 44.82 -6.21 28.96
C LEU A 115 43.87 -6.52 27.82
N LEU A 116 44.42 -7.06 26.74
CA LEU A 116 43.61 -7.34 25.58
C LEU A 116 42.73 -8.53 25.88
N ARG A 117 43.31 -9.48 26.63
CA ARG A 117 42.60 -10.69 26.98
C ARG A 117 41.39 -10.26 27.80
N ARG A 118 41.58 -9.27 28.66
CA ARG A 118 40.50 -8.84 29.52
C ARG A 118 39.50 -8.00 28.75
N HIS A 119 39.97 -7.12 27.87
CA HIS A 119 39.08 -6.28 27.09
C HIS A 119 38.20 -7.10 26.12
N ASN A 120 38.81 -7.86 25.20
CA ASN A 120 38.02 -8.60 24.21
C ASN A 120 37.36 -9.89 24.68
N ASN A 121 38.09 -10.62 25.52
CA ASN A 121 37.59 -11.89 26.00
C ASN A 121 37.01 -11.71 27.39
N GLN A 122 36.51 -12.78 27.97
CA GLN A 122 35.87 -12.63 29.25
C GLN A 122 36.95 -12.52 30.32
N GLY A 123 38.19 -12.55 29.90
CA GLY A 123 39.29 -12.79 30.81
C GLY A 123 39.80 -14.19 30.52
N ASP A 124 39.02 -14.92 29.73
CA ASP A 124 39.39 -16.28 29.35
C ASP A 124 40.64 -16.30 28.44
N ASN A 125 41.51 -17.26 28.69
CA ASN A 125 42.69 -17.47 27.88
C ASN A 125 42.37 -18.07 26.51
N GLU A 126 41.28 -18.82 26.39
CA GLU A 126 40.93 -19.35 25.06
C GLU A 126 39.48 -19.02 24.74
N ILE A 127 39.17 -19.10 23.44
CA ILE A 127 37.84 -18.78 22.93
C ILE A 127 37.27 -19.88 22.05
N SER A 128 36.03 -20.25 22.32
CA SER A 128 35.44 -21.28 21.51
C SER A 128 34.14 -20.77 20.94
N VAL A 129 33.97 -20.96 19.63
CA VAL A 129 32.72 -20.74 18.93
C VAL A 129 32.43 -21.97 18.10
N GLY A 130 31.36 -22.69 18.42
CA GLY A 130 31.14 -23.94 17.71
C GLY A 130 32.33 -24.84 17.92
N ASN A 131 32.72 -25.53 16.85
CA ASN A 131 33.84 -26.47 16.91
C ASN A 131 35.20 -25.79 16.74
N LEU A 132 35.17 -24.46 16.64
CA LEU A 132 36.39 -23.66 16.60
C LEU A 132 36.99 -23.36 17.99
N ARG A 133 38.23 -23.79 18.23
CA ARG A 133 38.92 -23.48 19.48
C ARG A 133 40.12 -22.60 19.12
N LEU A 134 40.23 -21.45 19.77
CA LEU A 134 41.34 -20.55 19.54
C LEU A 134 42.08 -20.26 20.86
N ASN A 135 43.40 -20.34 20.85
CA ASN A 135 44.20 -19.91 22.00
C ASN A 135 44.78 -18.53 21.76
N VAL A 136 44.28 -17.51 22.47
CA VAL A 136 44.72 -16.14 22.19
C VAL A 136 46.20 -15.93 22.47
N THR A 137 46.72 -16.58 23.51
CA THR A 137 48.11 -16.36 23.90
C THR A 137 49.10 -17.13 23.03
N ARG A 138 48.73 -18.34 22.63
CA ARG A 138 49.63 -19.17 21.82
C ARG A 138 49.57 -18.77 20.34
N ARG A 139 48.57 -17.95 19.99
CA ARG A 139 48.26 -17.67 18.59
C ARG A 139 48.12 -19.01 17.85
N LEU A 140 47.05 -19.74 18.19
CA LEU A 140 46.78 -21.05 17.60
C LEU A 140 45.28 -21.38 17.51
N VAL A 141 44.87 -22.04 16.43
CA VAL A 141 43.44 -22.28 16.19
C VAL A 141 43.11 -23.72 15.81
N TRP A 142 42.06 -24.29 16.42
CA TRP A 142 41.70 -25.71 16.21
C TRP A 142 40.29 -25.82 15.67
N LEU A 143 40.17 -26.32 14.46
CA LEU A 143 38.85 -26.67 13.94
C LEU A 143 38.57 -28.15 14.18
N GLY A 144 37.59 -28.43 15.04
CA GLY A 144 37.32 -29.80 15.41
C GLY A 144 38.52 -30.39 16.10
N GLU A 145 38.83 -31.63 15.77
CA GLU A 145 39.94 -32.29 16.42
C GLU A 145 41.22 -32.00 15.63
N THR A 146 41.09 -31.13 14.63
CA THR A 146 42.23 -30.77 13.78
C THR A 146 42.76 -29.32 13.88
N ALA A 147 44.04 -29.13 13.54
CA ALA A 147 44.73 -27.83 13.65
C ALA A 147 44.57 -26.98 12.40
N LEU A 148 44.78 -25.67 12.47
CA LEU A 148 44.65 -24.87 11.25
C LEU A 148 45.89 -24.06 11.00
N ASP A 149 46.43 -24.16 9.79
CA ASP A 149 47.53 -23.29 9.45
C ASP A 149 46.87 -22.07 8.84
N LEU A 150 46.95 -20.95 9.53
CA LEU A 150 46.40 -19.71 8.99
C LEU A 150 47.55 -18.75 8.85
N THR A 151 47.57 -17.96 7.79
CA THR A 151 48.59 -16.93 7.66
C THR A 151 48.38 -15.86 8.74
N PRO A 152 49.37 -14.97 8.97
CA PRO A 152 49.27 -13.93 9.98
C PRO A 152 48.02 -13.09 9.91
N LYS A 153 47.63 -12.71 8.70
CA LYS A 153 46.45 -11.90 8.48
C LYS A 153 45.20 -12.73 8.58
N GLU A 154 45.22 -13.93 8.03
CA GLU A 154 44.08 -14.82 8.23
C GLU A 154 43.79 -15.04 9.71
N TYR A 155 44.84 -15.22 10.51
CA TYR A 155 44.62 -15.40 11.95
C TYR A 155 44.06 -14.13 12.60
N ALA A 156 44.68 -12.98 12.33
CA ALA A 156 44.28 -11.72 12.98
C ALA A 156 42.81 -11.39 12.77
N LEU A 157 42.26 -11.92 11.68
CA LEU A 157 40.85 -11.80 11.35
C LEU A 157 40.01 -12.76 12.12
N LEU A 158 40.23 -14.05 11.89
CA LEU A 158 39.44 -15.08 12.55
C LEU A 158 39.39 -14.85 14.06
N SER A 159 40.49 -14.33 14.61
CA SER A 159 40.54 -13.93 16.02
C SER A 159 39.52 -12.83 16.35
N ARG A 160 39.64 -11.68 15.69
CA ARG A 160 38.68 -10.60 15.87
C ARG A 160 37.25 -11.08 15.64
N LEU A 161 37.06 -11.96 14.67
CA LEU A 161 35.72 -12.51 14.43
C LEU A 161 35.18 -13.30 15.61
N MET A 162 35.99 -14.19 16.20
CA MET A 162 35.51 -15.04 17.29
C MET A 162 35.25 -14.31 18.60
N MET A 163 36.02 -13.26 18.86
CA MET A 163 35.83 -12.43 20.04
C MET A 163 34.50 -11.74 19.99
N LYS A 164 34.19 -11.24 18.80
CA LYS A 164 32.99 -10.49 18.55
C LYS A 164 31.89 -11.41 18.05
N ALA A 165 32.17 -12.72 18.06
CA ALA A 165 31.31 -13.72 17.42
C ALA A 165 29.85 -13.64 17.86
N GLY A 166 28.97 -13.65 16.86
CA GLY A 166 27.55 -13.42 17.05
C GLY A 166 27.19 -11.99 16.70
N SER A 167 28.17 -11.10 16.80
CA SER A 167 27.99 -9.69 16.48
C SER A 167 28.74 -9.35 15.21
N PRO A 168 28.07 -8.70 14.26
CA PRO A 168 28.76 -8.35 13.02
C PRO A 168 29.91 -7.41 13.33
N VAL A 169 31.10 -7.71 12.82
CA VAL A 169 32.19 -6.78 13.00
C VAL A 169 32.29 -5.90 11.79
N HIS A 170 32.26 -4.60 12.04
CA HIS A 170 32.34 -3.60 11.00
C HIS A 170 33.61 -3.72 10.17
N ARG A 171 33.48 -3.56 8.85
CA ARG A 171 34.61 -3.71 7.91
C ARG A 171 35.80 -2.80 8.21
N GLU A 172 35.54 -1.56 8.61
CA GLU A 172 36.63 -0.62 8.88
C GLU A 172 37.50 -1.11 10.04
N ILE A 173 36.91 -1.87 10.95
CA ILE A 173 37.66 -2.46 12.07
C ILE A 173 38.49 -3.67 11.66
N LEU A 174 37.93 -4.59 10.87
CA LEU A 174 38.72 -5.75 10.47
C LEU A 174 39.93 -5.28 9.69
N TYR A 175 39.72 -4.35 8.79
CA TYR A 175 40.79 -3.80 7.97
C TYR A 175 41.81 -3.10 8.83
N ASN A 176 41.34 -2.34 9.81
CA ASN A 176 42.24 -1.60 10.68
C ASN A 176 43.09 -2.52 11.57
N ASP A 177 42.59 -3.73 11.84
CA ASP A 177 43.34 -4.76 12.58
C ASP A 177 44.50 -5.35 11.80
N ILE A 178 44.33 -5.36 10.48
CA ILE A 178 45.28 -5.93 9.57
C ILE A 178 46.31 -4.94 8.96
N TYR A 179 46.15 -3.63 9.10
CA TYR A 179 47.10 -2.75 8.43
C TYR A 179 47.67 -1.57 9.24
N SER A 180 48.93 -1.25 8.99
CA SER A 180 49.63 -0.25 9.78
C SER A 180 49.50 1.18 9.32
N GLY A 181 48.64 1.44 8.37
CA GLY A 181 48.52 2.80 7.90
C GLY A 181 49.55 3.06 6.83
N ASP A 182 50.73 2.43 6.95
CA ASP A 182 51.77 2.57 5.95
C ASP A 182 51.64 1.48 4.88
N ASN A 183 50.93 0.42 5.25
CA ASN A 183 50.65 -0.70 4.35
C ASN A 183 49.24 -0.72 3.77
N GLU A 184 48.46 0.34 3.97
CA GLU A 184 47.03 0.27 3.61
C GLU A 184 46.78 0.08 2.12
N PRO A 185 46.25 -1.09 1.72
CA PRO A 185 46.17 -1.46 0.29
C PRO A 185 45.08 -0.72 -0.45
N ALA A 186 45.39 -0.27 -1.67
CA ALA A 186 44.36 0.32 -2.49
C ALA A 186 43.28 -0.68 -2.87
N THR A 187 43.66 -1.92 -3.17
CA THR A 187 42.65 -2.89 -3.65
C THR A 187 41.86 -3.58 -2.56
N ASN A 188 41.12 -4.60 -2.97
CA ASN A 188 40.25 -5.26 -2.02
C ASN A 188 40.92 -6.47 -1.47
N THR A 189 41.76 -6.24 -0.47
CA THR A 189 42.57 -7.34 0.04
C THR A 189 41.70 -8.06 1.05
N LEU A 190 41.01 -7.28 1.87
CA LEU A 190 40.18 -7.85 2.92
C LEU A 190 39.19 -8.85 2.32
N GLU A 191 38.60 -8.53 1.17
CA GLU A 191 37.65 -9.44 0.55
C GLU A 191 38.24 -10.82 0.22
N VAL A 192 39.52 -10.82 -0.17
CA VAL A 192 40.23 -12.06 -0.53
C VAL A 192 40.60 -12.86 0.69
N HIS A 193 41.17 -12.18 1.67
CA HIS A 193 41.61 -12.82 2.89
C HIS A 193 40.42 -13.55 3.47
N ILE A 194 39.27 -12.88 3.52
CA ILE A 194 38.09 -13.54 4.06
C ILE A 194 37.73 -14.71 3.15
N HIS A 195 37.96 -14.57 1.86
CA HIS A 195 37.70 -15.72 0.99
C HIS A 195 38.63 -16.86 1.34
N ASN A 196 39.92 -16.52 1.45
CA ASN A 196 40.93 -17.53 1.76
C ASN A 196 40.60 -18.16 3.10
N LEU A 197 40.46 -17.33 4.13
CA LEU A 197 40.04 -17.79 5.45
C LEU A 197 38.84 -18.69 5.34
N ARG A 198 37.82 -18.25 4.60
CA ARG A 198 36.60 -19.04 4.42
C ARG A 198 36.91 -20.42 3.87
N GLU A 199 37.78 -20.50 2.87
CA GLU A 199 38.06 -21.79 2.25
C GLU A 199 38.68 -22.77 3.24
N LYS A 200 39.42 -22.26 4.23
CA LYS A 200 40.02 -23.09 5.30
C LYS A 200 38.99 -23.53 6.37
N ILE A 201 38.37 -22.57 7.06
CA ILE A 201 37.42 -22.88 8.12
C ILE A 201 36.11 -23.40 7.56
N GLY A 202 35.88 -23.09 6.29
CA GLY A 202 34.75 -23.65 5.58
C GLY A 202 33.65 -22.64 5.33
N LYS A 203 32.96 -22.84 4.22
CA LYS A 203 31.79 -22.09 3.88
C LYS A 203 30.57 -22.82 4.44
N SER A 204 29.82 -22.13 5.30
CA SER A 204 30.16 -20.78 5.68
C SER A 204 30.03 -20.60 7.17
N ARG A 205 31.14 -20.42 7.86
CA ARG A 205 31.07 -20.08 9.28
C ARG A 205 31.05 -18.58 9.41
N ILE A 206 31.45 -17.91 8.33
CA ILE A 206 31.41 -16.47 8.27
C ILE A 206 30.30 -16.02 7.39
N ARG A 207 29.35 -15.28 7.96
CA ARG A 207 28.23 -14.81 7.20
C ARG A 207 28.51 -13.36 6.98
N THR A 208 28.40 -12.95 5.73
CA THR A 208 28.74 -11.60 5.38
C THR A 208 27.52 -10.69 5.61
N VAL A 209 27.73 -9.54 6.25
CA VAL A 209 26.59 -8.63 6.49
C VAL A 209 26.76 -7.35 5.68
N ARG A 210 25.98 -7.28 4.61
CA ARG A 210 26.13 -6.28 3.58
C ARG A 210 26.02 -4.87 4.12
N GLY A 211 26.90 -4.00 3.63
CA GLY A 211 26.90 -2.61 4.05
C GLY A 211 27.49 -2.41 5.45
N PHE A 212 27.84 -3.51 6.11
CA PHE A 212 28.48 -3.42 7.41
C PHE A 212 29.86 -4.12 7.50
N GLY A 213 29.86 -5.43 7.35
CA GLY A 213 31.07 -6.19 7.60
C GLY A 213 30.80 -7.67 7.58
N TYR A 214 31.65 -8.40 8.28
CA TYR A 214 31.54 -9.85 8.41
C TYR A 214 31.19 -10.26 9.85
N MET A 215 30.61 -11.45 10.00
CA MET A 215 30.20 -11.97 11.31
C MET A 215 30.24 -13.48 11.37
N LEU A 216 30.40 -14.02 12.57
CA LEU A 216 30.62 -15.44 12.75
C LEU A 216 29.51 -16.12 13.57
N ALA A 217 29.05 -17.29 13.12
CA ALA A 217 27.87 -17.94 13.72
C ALA A 217 28.10 -19.00 14.83
N ASN A 218 27.40 -18.87 15.97
CA ASN A 218 27.46 -19.91 17.03
C ASN A 218 26.19 -20.79 17.20
N ASN A 219 25.14 -20.23 17.84
CA ASN A 219 23.88 -20.96 18.08
C ASN A 219 23.30 -21.77 16.90
N MET B 1 31.09 -3.13 46.56
CA MET B 1 31.31 -4.34 45.77
C MET B 1 32.03 -5.36 46.64
N LYS B 2 31.90 -6.65 46.30
CA LYS B 2 32.43 -7.71 47.15
C LYS B 2 33.81 -8.19 46.64
N ILE B 3 34.82 -8.04 47.47
CA ILE B 3 36.17 -8.47 47.15
C ILE B 3 36.52 -9.70 47.96
N LEU B 4 36.95 -10.76 47.31
CA LEU B 4 37.50 -11.88 48.04
C LEU B 4 39.01 -11.70 48.17
N VAL B 5 39.58 -11.88 49.34
CA VAL B 5 41.04 -11.78 49.48
C VAL B 5 41.54 -13.14 49.90
N ILE B 6 42.59 -13.63 49.28
CA ILE B 6 43.11 -14.94 49.64
C ILE B 6 44.56 -14.87 50.14
N GLU B 7 44.75 -15.06 51.43
CA GLU B 7 46.11 -14.98 51.98
C GLU B 7 46.37 -16.01 53.08
N ASP B 8 47.49 -16.72 52.96
CA ASP B 8 47.80 -17.79 53.90
C ASP B 8 48.31 -17.24 55.22
N ASP B 9 49.00 -16.10 55.17
CA ASP B 9 49.44 -15.48 56.41
C ASP B 9 48.28 -14.66 56.91
N ALA B 10 47.72 -15.05 58.05
CA ALA B 10 46.45 -14.49 58.51
C ALA B 10 46.69 -13.09 59.09
N LEU B 11 47.93 -12.85 59.51
CA LEU B 11 48.32 -11.55 60.04
C LEU B 11 48.14 -10.48 58.96
N LEU B 12 48.64 -10.77 57.75
CA LEU B 12 48.46 -9.89 56.60
C LEU B 12 47.00 -9.86 56.16
N LEU B 13 46.40 -11.04 56.12
CA LEU B 13 45.02 -11.22 55.70
C LEU B 13 44.09 -10.23 56.41
N GLN B 14 44.29 -10.07 57.72
CA GLN B 14 43.46 -9.12 58.45
C GLN B 14 43.79 -7.70 58.03
N GLY B 15 45.02 -7.47 57.57
CA GLY B 15 45.44 -6.16 57.09
C GLY B 15 44.77 -5.80 55.78
N LEU B 16 44.89 -6.70 54.80
CA LEU B 16 44.29 -6.54 53.48
C LEU B 16 42.80 -6.32 53.63
N ILE B 17 42.17 -7.14 54.48
CA ILE B 17 40.74 -7.00 54.74
C ILE B 17 40.41 -5.61 55.24
N LEU B 18 41.10 -5.17 56.29
CA LEU B 18 40.86 -3.83 56.84
C LEU B 18 41.03 -2.75 55.79
N ALA B 19 42.05 -2.90 54.95
CA ALA B 19 42.27 -1.92 53.90
C ALA B 19 41.03 -1.87 52.99
N MET B 20 40.55 -3.03 52.57
CA MET B 20 39.38 -3.13 51.68
C MET B 20 38.13 -2.56 52.33
N GLN B 21 37.97 -2.82 53.63
CA GLN B 21 36.87 -2.22 54.37
C GLN B 21 37.00 -0.71 54.24
N SER B 22 38.21 -0.24 54.57
CA SER B 22 38.56 1.17 54.64
C SER B 22 38.43 1.92 53.31
N GLU B 23 38.78 1.25 52.22
CA GLU B 23 38.69 1.88 50.92
C GLU B 23 37.24 2.00 50.48
N GLY B 24 36.34 1.33 51.19
CA GLY B 24 34.92 1.44 50.89
C GLY B 24 34.25 0.22 50.28
N TYR B 25 35.02 -0.80 49.91
CA TYR B 25 34.47 -2.06 49.37
C TYR B 25 33.96 -3.01 50.47
N VAL B 26 33.09 -3.95 50.09
CA VAL B 26 32.73 -5.08 50.96
C VAL B 26 33.78 -6.16 50.77
N CYS B 27 34.24 -6.80 51.84
CA CYS B 27 35.37 -7.71 51.70
C CYS B 27 35.19 -9.02 52.46
N ASP B 28 35.73 -10.09 51.89
CA ASP B 28 35.83 -11.38 52.58
C ASP B 28 37.28 -11.85 52.51
N GLY B 29 37.83 -12.29 53.62
CA GLY B 29 39.12 -12.93 53.54
C GLY B 29 38.92 -14.41 53.73
N VAL B 30 39.85 -15.22 53.25
CA VAL B 30 39.84 -16.66 53.47
C VAL B 30 41.32 -16.99 53.51
N SER B 31 41.72 -18.00 54.26
CA SER B 31 43.14 -18.26 54.39
C SER B 31 43.70 -19.34 53.50
N THR B 32 42.82 -20.01 52.76
CA THR B 32 43.25 -21.12 51.91
C THR B 32 42.51 -21.24 50.61
N ALA B 33 43.12 -22.02 49.71
CA ALA B 33 42.54 -22.31 48.41
C ALA B 33 41.17 -22.96 48.56
N HIS B 34 41.09 -23.97 49.43
CA HIS B 34 39.84 -24.69 49.59
C HIS B 34 38.71 -23.78 50.07
N GLU B 35 39.00 -22.96 51.07
CA GLU B 35 37.99 -22.06 51.62
C GLU B 35 37.49 -21.06 50.56
N ALA B 36 38.42 -20.60 49.72
CA ALA B 36 38.11 -19.69 48.62
C ALA B 36 37.18 -20.33 47.60
N ALA B 37 37.48 -21.58 47.26
CA ALA B 37 36.62 -22.35 46.37
C ALA B 37 35.19 -22.23 46.88
N LEU B 38 35.03 -22.45 48.18
CA LEU B 38 33.73 -22.39 48.83
C LEU B 38 33.08 -21.03 48.75
N SER B 39 33.85 -19.98 49.03
CA SER B 39 33.32 -18.61 49.08
C SER B 39 32.82 -18.21 47.71
N LEU B 40 33.60 -18.58 46.70
CA LEU B 40 33.28 -18.30 45.32
C LEU B 40 32.01 -19.04 44.91
N ALA B 41 31.84 -20.26 45.41
CA ALA B 41 30.67 -21.04 45.06
C ALA B 41 29.42 -20.30 45.47
N SER B 42 29.41 -19.81 46.71
CA SER B 42 28.22 -19.15 47.23
C SER B 42 28.07 -17.65 46.91
N ASN B 43 29.16 -16.90 47.06
CA ASN B 43 29.14 -15.45 46.91
C ASN B 43 29.36 -14.88 45.49
N HIS B 44 28.93 -13.65 45.27
CA HIS B 44 29.25 -12.99 44.01
C HIS B 44 30.27 -11.89 44.23
N TYR B 45 31.48 -12.18 43.79
CA TYR B 45 32.62 -11.29 43.96
C TYR B 45 32.93 -10.47 42.73
N SER B 46 33.29 -9.23 42.98
CA SER B 46 33.65 -8.31 41.92
C SER B 46 35.14 -8.36 41.62
N LEU B 47 35.90 -9.08 42.44
CA LEU B 47 37.36 -9.16 42.28
C LEU B 47 37.98 -10.18 43.22
N ILE B 48 39.20 -10.65 42.93
CA ILE B 48 39.87 -11.58 43.80
C ILE B 48 41.32 -11.15 43.94
N VAL B 49 41.79 -10.92 45.16
CA VAL B 49 43.23 -10.74 45.35
C VAL B 49 43.73 -12.08 45.84
N LEU B 50 44.80 -12.58 45.24
CA LEU B 50 45.20 -13.96 45.50
C LEU B 50 46.69 -14.15 45.75
N ASP B 51 47.10 -14.74 46.86
CA ASP B 51 48.51 -15.00 47.10
C ASP B 51 48.72 -16.28 46.37
N LEU B 52 49.93 -16.51 45.89
CA LEU B 52 50.35 -17.73 45.21
C LEU B 52 50.80 -18.83 46.17
N GLY B 53 51.39 -18.44 47.29
CA GLY B 53 51.89 -19.40 48.26
C GLY B 53 50.80 -19.61 49.28
N LEU B 54 50.01 -20.65 49.03
CA LEU B 54 48.80 -20.99 49.78
C LEU B 54 49.23 -22.39 50.25
N PRO B 55 48.84 -22.80 51.47
CA PRO B 55 49.20 -24.12 52.03
C PRO B 55 48.59 -25.31 51.31
N ASP B 56 47.29 -25.28 50.96
CA ASP B 56 46.61 -26.48 50.41
C ASP B 56 46.83 -26.71 48.90
N GLU B 57 46.92 -25.63 48.12
CA GLU B 57 47.02 -25.75 46.68
C GLU B 57 47.85 -24.59 46.17
N ASP B 58 48.62 -24.79 45.10
CA ASP B 58 49.43 -23.70 44.54
C ASP B 58 48.51 -22.68 43.86
N GLY B 59 48.70 -21.40 44.18
CA GLY B 59 47.78 -20.37 43.72
C GLY B 59 47.44 -20.38 42.25
N LEU B 60 48.44 -20.62 41.41
CA LEU B 60 48.27 -20.67 39.97
C LEU B 60 47.40 -21.86 39.56
N HIS B 61 47.61 -23.02 40.19
CA HIS B 61 46.80 -24.20 39.89
C HIS B 61 45.39 -23.87 40.27
N PHE B 62 45.25 -23.08 41.32
CA PHE B 62 43.94 -22.60 41.70
C PHE B 62 43.40 -21.64 40.64
N LEU B 63 44.26 -20.74 40.16
CA LEU B 63 43.83 -19.77 39.16
C LEU B 63 43.43 -20.47 37.88
N SER B 64 44.32 -21.33 37.39
CA SER B 64 44.10 -22.08 36.17
C SER B 64 42.80 -22.88 36.32
N ARG B 65 42.57 -23.43 37.51
CA ARG B 65 41.37 -24.21 37.74
C ARG B 65 40.11 -23.34 37.59
N MET B 66 40.14 -22.10 38.08
CA MET B 66 38.97 -21.24 38.01
C MET B 66 38.51 -20.85 36.63
N ARG B 67 39.45 -20.46 35.78
CA ARG B 67 39.11 -19.99 34.43
C ARG B 67 38.65 -21.16 33.57
N ARG B 68 39.16 -22.35 33.87
CA ARG B 68 38.70 -23.56 33.20
C ARG B 68 37.20 -23.67 33.45
N GLU B 69 36.81 -23.27 34.66
CA GLU B 69 35.43 -23.35 35.13
C GLU B 69 34.65 -22.10 34.76
N LYS B 70 35.28 -21.26 33.94
CA LYS B 70 34.63 -20.06 33.41
C LYS B 70 34.29 -19.10 34.55
N MET B 71 35.22 -18.94 35.49
CA MET B 71 35.10 -17.91 36.49
C MET B 71 35.84 -16.72 35.94
N THR B 72 35.11 -15.66 35.62
CA THR B 72 35.65 -14.55 34.84
C THR B 72 36.10 -13.30 35.58
N GLN B 73 36.04 -13.29 36.90
CA GLN B 73 36.23 -12.04 37.60
C GLN B 73 37.70 -11.63 37.61
N PRO B 74 37.95 -10.32 37.73
CA PRO B 74 39.32 -9.81 37.68
C PRO B 74 40.10 -10.33 38.86
N VAL B 75 41.34 -10.75 38.64
CA VAL B 75 42.17 -11.30 39.69
C VAL B 75 43.43 -10.49 39.81
N LEU B 76 43.78 -10.02 40.98
CA LEU B 76 45.08 -9.40 41.11
C LEU B 76 45.94 -10.31 41.92
N ILE B 77 46.91 -10.94 41.30
CA ILE B 77 47.86 -11.72 42.08
C ILE B 77 48.70 -10.76 42.92
N LEU B 78 48.72 -10.98 44.23
CA LEU B 78 49.60 -10.22 45.10
C LEU B 78 50.46 -11.25 45.81
N THR B 79 51.73 -11.32 45.40
CA THR B 79 52.57 -12.47 45.79
C THR B 79 53.95 -12.05 46.20
N ALA B 80 54.69 -12.99 46.78
CA ALA B 80 56.10 -12.80 47.07
C ALA B 80 57.01 -13.42 45.99
N ARG B 81 56.44 -13.97 44.92
CA ARG B 81 57.28 -14.56 43.89
C ARG B 81 57.53 -13.46 42.87
N ASP B 82 58.75 -12.93 42.87
CA ASP B 82 59.06 -11.70 42.16
C ASP B 82 59.77 -11.79 40.80
N THR B 83 60.12 -12.99 40.35
CA THR B 83 60.84 -13.11 39.07
C THR B 83 60.03 -12.61 37.89
N LEU B 84 60.72 -12.02 36.93
CA LEU B 84 60.11 -11.73 35.65
C LEU B 84 59.52 -13.03 35.10
N GLU B 85 60.24 -14.11 35.34
CA GLU B 85 59.77 -15.40 34.91
C GLU B 85 58.43 -15.72 35.60
N ASP B 86 58.29 -15.32 36.85
CA ASP B 86 57.03 -15.60 37.54
C ASP B 86 55.86 -14.73 37.09
N ARG B 87 56.11 -13.43 36.95
CA ARG B 87 55.06 -12.45 36.67
C ARG B 87 54.33 -12.83 35.41
N ILE B 88 55.13 -13.25 34.44
CA ILE B 88 54.59 -13.65 33.16
C ILE B 88 53.73 -14.87 33.37
N SER B 89 54.21 -15.82 34.18
CA SER B 89 53.46 -17.04 34.44
C SER B 89 52.13 -16.69 35.11
N GLY B 90 52.14 -15.69 35.97
CA GLY B 90 50.92 -15.27 36.63
C GLY B 90 49.94 -14.63 35.67
N LEU B 91 50.46 -13.69 34.88
CA LEU B 91 49.64 -12.96 33.93
C LEU B 91 49.18 -13.82 32.77
N ASP B 92 49.95 -14.84 32.40
CA ASP B 92 49.55 -15.70 31.29
C ASP B 92 48.59 -16.74 31.79
N THR B 93 48.57 -16.92 33.10
CA THR B 93 47.68 -17.89 33.73
C THR B 93 46.28 -17.31 33.71
N GLY B 94 46.20 -16.00 33.47
CA GLY B 94 44.93 -15.31 33.46
C GLY B 94 44.70 -14.34 34.59
N ALA B 95 45.77 -13.95 35.26
CA ALA B 95 45.61 -12.93 36.27
C ALA B 95 45.42 -11.64 35.50
N ASP B 96 44.79 -10.63 36.11
CA ASP B 96 44.68 -9.32 35.48
C ASP B 96 45.70 -8.28 35.92
N ASP B 97 46.48 -8.57 36.96
CA ASP B 97 47.57 -7.70 37.39
C ASP B 97 48.50 -8.51 38.26
N TYR B 98 49.72 -8.06 38.49
CA TYR B 98 50.61 -8.81 39.34
C TYR B 98 51.31 -7.79 40.17
N LEU B 99 51.16 -7.91 41.48
CA LEU B 99 51.75 -6.97 42.41
C LEU B 99 52.62 -7.72 43.39
N VAL B 100 53.89 -7.35 43.40
CA VAL B 100 54.88 -8.07 44.16
C VAL B 100 54.97 -7.56 45.60
N LYS B 101 55.22 -8.49 46.52
CA LYS B 101 55.47 -8.23 47.93
C LYS B 101 56.96 -8.02 48.14
N PRO B 102 57.34 -7.01 48.95
CA PRO B 102 56.45 -6.12 49.70
C PRO B 102 55.80 -5.12 48.78
N PHE B 103 54.78 -4.43 49.25
CA PHE B 103 54.12 -3.54 48.31
C PHE B 103 53.67 -2.28 49.02
N ALA B 104 53.56 -1.19 48.27
CA ALA B 104 52.92 -0.02 48.82
C ALA B 104 51.44 -0.36 48.81
N LEU B 105 50.78 -0.11 49.94
CA LEU B 105 49.36 -0.39 50.02
C LEU B 105 48.61 0.52 49.06
N GLU B 106 49.00 1.78 49.03
CA GLU B 106 48.30 2.73 48.19
C GLU B 106 48.41 2.43 46.69
N GLU B 107 49.47 1.71 46.31
CA GLU B 107 49.55 1.21 44.94
C GLU B 107 48.47 0.18 44.71
N LEU B 108 48.36 -0.73 45.66
CA LEU B 108 47.37 -1.79 45.59
C LEU B 108 45.95 -1.25 45.50
N ASN B 109 45.62 -0.30 46.37
CA ASN B 109 44.28 0.25 46.37
C ASN B 109 43.93 0.82 45.00
N ALA B 110 44.93 1.43 44.37
CA ALA B 110 44.71 2.11 43.10
C ALA B 110 44.63 1.10 41.95
N ARG B 111 45.48 0.07 41.99
CA ARG B 111 45.44 -1.00 40.99
C ARG B 111 44.09 -1.68 41.11
N ILE B 112 43.65 -1.86 42.35
CA ILE B 112 42.33 -2.42 42.64
C ILE B 112 41.23 -1.56 42.03
N ARG B 113 41.36 -0.25 42.23
CA ARG B 113 40.41 0.71 41.67
C ARG B 113 40.32 0.66 40.13
N ALA B 114 41.47 0.42 39.50
CA ALA B 114 41.55 0.41 38.03
C ALA B 114 40.87 -0.79 37.40
N LEU B 115 40.87 -1.91 38.11
CA LEU B 115 40.29 -3.11 37.56
C LEU B 115 38.78 -2.98 37.66
N LEU B 116 38.34 -2.38 38.75
CA LEU B 116 36.91 -2.24 39.05
C LEU B 116 36.23 -1.20 38.16
N ARG B 117 37.03 -0.22 37.72
CA ARG B 117 36.54 0.87 36.89
C ARG B 117 35.84 0.37 35.61
N ARG B 118 36.45 -0.65 35.00
CA ARG B 118 35.94 -1.32 33.81
C ARG B 118 34.81 -2.30 34.09
N HIS B 119 34.89 -2.99 35.24
CA HIS B 119 33.95 -4.07 35.60
C HIS B 119 32.50 -3.63 35.61
N ASN B 120 32.21 -2.59 36.40
CA ASN B 120 30.84 -2.10 36.54
C ASN B 120 30.37 -1.44 35.25
N ASN B 121 31.35 -0.92 34.50
CA ASN B 121 31.09 -0.09 33.34
C ASN B 121 30.67 -0.77 32.02
N GLN B 122 30.52 -2.10 31.95
CA GLN B 122 30.17 -2.67 30.63
C GLN B 122 28.65 -2.64 30.47
N GLY B 123 28.21 -1.58 29.78
CA GLY B 123 26.83 -1.13 29.77
C GLY B 123 26.02 -1.20 28.50
N ASP B 124 26.37 -2.06 27.54
CA ASP B 124 26.19 -1.72 26.12
C ASP B 124 24.76 -1.26 25.74
N ASN B 125 24.73 -0.16 24.99
CA ASN B 125 23.56 0.72 24.89
C ASN B 125 22.43 0.11 24.09
N GLU B 126 21.28 -0.05 24.74
CA GLU B 126 20.11 -0.59 24.09
C GLU B 126 18.89 0.28 24.43
N ILE B 127 18.04 0.55 23.44
CA ILE B 127 16.77 1.21 23.72
C ILE B 127 15.79 0.30 22.98
N SER B 128 14.80 -0.18 23.73
CA SER B 128 13.85 -1.18 23.25
C SER B 128 12.39 -0.78 23.48
N VAL B 129 11.54 -1.02 22.49
CA VAL B 129 10.10 -0.80 22.63
C VAL B 129 9.37 -2.11 22.28
N GLY B 130 8.65 -2.61 23.28
CA GLY B 130 8.03 -3.92 23.22
C GLY B 130 9.07 -5.02 23.15
N ASN B 131 8.77 -6.10 22.43
CA ASN B 131 9.66 -7.26 22.43
C ASN B 131 10.83 -7.14 21.46
N LEU B 132 10.91 -6.00 20.78
CA LEU B 132 12.05 -5.73 19.92
C LEU B 132 13.23 -5.24 20.77
N ARG B 133 14.35 -5.94 20.69
CA ARG B 133 15.57 -5.55 21.39
C ARG B 133 16.58 -5.10 20.32
N LEU B 134 17.07 -3.87 20.45
CA LEU B 134 18.02 -3.31 19.49
C LEU B 134 19.34 -2.89 20.17
N ASN B 135 20.47 -3.27 19.56
CA ASN B 135 21.79 -2.83 20.03
C ASN B 135 22.34 -1.67 19.19
N VAL B 136 22.40 -0.47 19.76
CA VAL B 136 22.98 0.66 19.06
C VAL B 136 24.46 0.32 18.92
N THR B 137 24.98 -0.42 19.91
CA THR B 137 26.40 -0.83 19.94
C THR B 137 26.78 -2.10 19.10
N ARG B 138 26.03 -3.20 19.23
CA ARG B 138 26.36 -4.45 18.50
C ARG B 138 25.71 -4.67 17.11
N ARG B 139 24.76 -3.81 16.75
CA ARG B 139 23.96 -3.92 15.51
C ARG B 139 23.28 -5.29 15.28
N LEU B 140 22.29 -5.60 16.12
CA LEU B 140 21.54 -6.85 15.96
C LEU B 140 20.11 -6.65 16.49
N VAL B 141 19.13 -7.25 15.82
CA VAL B 141 17.72 -6.96 16.10
C VAL B 141 16.97 -8.23 16.44
N TRP B 142 16.15 -8.18 17.50
CA TRP B 142 15.42 -9.36 17.99
C TRP B 142 13.89 -9.23 18.13
N LEU B 143 13.12 -9.98 17.33
CA LEU B 143 11.67 -10.15 17.59
C LEU B 143 11.49 -11.45 18.39
N GLY B 144 11.07 -11.34 19.65
CA GLY B 144 11.01 -12.51 20.51
C GLY B 144 12.42 -13.03 20.72
N GLU B 145 12.58 -14.35 20.61
CA GLU B 145 13.89 -14.98 20.78
C GLU B 145 14.69 -15.23 19.46
N THR B 146 14.18 -14.76 18.31
CA THR B 146 14.91 -14.90 17.02
C THR B 146 15.48 -13.53 16.58
N ALA B 147 16.35 -13.52 15.56
CA ALA B 147 17.04 -12.30 15.12
C ALA B 147 16.61 -11.80 13.74
N LEU B 148 16.92 -10.53 13.44
CA LEU B 148 16.50 -9.92 12.19
C LEU B 148 17.61 -9.24 11.39
N ASP B 149 17.61 -9.53 10.09
CA ASP B 149 18.47 -8.85 9.15
C ASP B 149 17.80 -7.59 8.71
N LEU B 150 18.42 -6.48 9.00
CA LEU B 150 17.92 -5.26 8.44
C LEU B 150 19.02 -4.79 7.54
N THR B 151 18.64 -4.35 6.34
CA THR B 151 19.55 -3.75 5.40
C THR B 151 20.02 -2.39 5.94
N PRO B 152 21.07 -1.80 5.34
CA PRO B 152 21.56 -0.49 5.78
C PRO B 152 20.45 0.53 5.95
N LYS B 153 19.51 0.58 5.01
CA LYS B 153 18.37 1.50 5.12
C LYS B 153 17.30 1.01 6.07
N GLU B 154 16.92 -0.27 5.97
CA GLU B 154 15.93 -0.86 6.88
C GLU B 154 16.31 -0.68 8.34
N TYR B 155 17.56 -0.94 8.66
CA TYR B 155 18.09 -0.78 10.01
C TYR B 155 18.06 0.71 10.36
N ALA B 156 18.53 1.55 9.43
CA ALA B 156 18.61 3.01 9.64
C ALA B 156 17.26 3.69 9.96
N LEU B 157 16.17 3.13 9.44
CA LEU B 157 14.84 3.68 9.74
C LEU B 157 14.44 3.22 11.13
N LEU B 158 14.26 1.90 11.30
CA LEU B 158 13.85 1.32 12.57
C LEU B 158 14.73 1.85 13.72
N SER B 159 15.98 2.19 13.41
CA SER B 159 16.87 2.87 14.36
C SER B 159 16.28 4.20 14.83
N ARG B 160 16.13 5.11 13.85
CA ARG B 160 15.58 6.44 14.07
C ARG B 160 14.21 6.39 14.76
N LEU B 161 13.42 5.38 14.40
CA LEU B 161 12.11 5.19 15.01
C LEU B 161 12.16 4.86 16.51
N MET B 162 12.96 3.88 16.93
CA MET B 162 12.99 3.49 18.36
C MET B 162 13.61 4.59 19.26
N MET B 163 14.49 5.43 18.67
CA MET B 163 14.99 6.62 19.37
C MET B 163 13.84 7.61 19.61
N LYS B 164 12.99 7.78 18.60
CA LYS B 164 11.83 8.69 18.64
C LYS B 164 10.49 7.99 19.02
N ALA B 165 10.56 6.73 19.46
CA ALA B 165 9.38 5.86 19.65
C ALA B 165 8.22 6.43 20.50
N GLY B 166 7.01 6.30 19.97
CA GLY B 166 5.84 6.94 20.55
C GLY B 166 5.43 8.21 19.82
N SER B 167 6.37 8.85 19.12
CA SER B 167 6.07 10.09 18.39
C SER B 167 6.27 10.04 16.85
N PRO B 168 5.34 10.65 16.08
CA PRO B 168 5.51 10.69 14.62
C PRO B 168 6.71 11.52 14.18
N VAL B 169 7.53 10.91 13.35
CA VAL B 169 8.67 11.56 12.72
C VAL B 169 8.24 12.02 11.33
N HIS B 170 8.45 13.29 11.00
CA HIS B 170 8.04 13.80 9.70
C HIS B 170 8.73 12.94 8.62
N ARG B 171 8.01 12.56 7.57
CA ARG B 171 8.57 11.67 6.54
C ARG B 171 9.84 12.24 5.87
N GLU B 172 9.89 13.55 5.65
CA GLU B 172 11.07 14.21 5.06
C GLU B 172 12.31 14.04 5.95
N ILE B 173 12.09 13.80 7.25
CA ILE B 173 13.18 13.58 8.19
C ILE B 173 13.83 12.23 7.86
N LEU B 174 12.98 11.23 7.67
CA LEU B 174 13.43 9.89 7.31
C LEU B 174 14.08 9.85 5.90
N TYR B 175 13.56 10.65 4.95
CA TYR B 175 14.15 10.74 3.60
C TYR B 175 15.57 11.34 3.73
N ASN B 176 15.73 12.33 4.60
CA ASN B 176 17.05 12.92 4.89
C ASN B 176 17.96 12.01 5.78
N ASP B 177 17.33 11.13 6.58
CA ASP B 177 18.03 10.11 7.37
C ASP B 177 18.52 8.91 6.54
N ILE B 178 17.80 8.61 5.46
CA ILE B 178 18.08 7.46 4.60
C ILE B 178 18.99 7.89 3.44
N TYR B 179 19.22 9.19 3.37
CA TYR B 179 20.00 9.76 2.31
C TYR B 179 21.03 10.78 2.78
N SER B 180 22.07 10.95 1.98
CA SER B 180 23.13 11.90 2.26
C SER B 180 22.62 13.34 2.05
N GLY B 181 21.38 13.46 1.55
CA GLY B 181 20.70 14.73 1.43
C GLY B 181 20.72 15.28 0.02
N ASP B 182 21.80 14.97 -0.71
CA ASP B 182 21.88 15.33 -2.12
C ASP B 182 21.35 14.19 -3.01
N ASN B 183 21.12 13.02 -2.42
CA ASN B 183 20.52 11.94 -3.18
C ASN B 183 19.03 11.70 -2.82
N GLU B 184 18.12 12.26 -3.62
CA GLU B 184 16.68 12.06 -3.43
C GLU B 184 16.01 11.48 -4.67
N PRO B 185 15.45 10.26 -4.54
CA PRO B 185 14.77 9.59 -5.66
C PRO B 185 13.34 10.11 -6.02
N ALA B 186 13.11 10.23 -7.34
CA ALA B 186 11.80 10.49 -7.95
C ALA B 186 10.64 9.61 -7.47
N THR B 187 10.91 8.34 -7.16
CA THR B 187 9.85 7.40 -6.75
C THR B 187 9.82 7.27 -5.24
N ASN B 188 8.86 6.51 -4.73
CA ASN B 188 8.69 6.45 -3.28
C ASN B 188 9.60 5.41 -2.71
N THR B 189 10.73 5.85 -2.18
CA THR B 189 11.68 4.88 -1.68
C THR B 189 11.33 4.54 -0.25
N LEU B 190 11.07 5.60 0.53
CA LEU B 190 10.80 5.48 1.95
C LEU B 190 9.60 4.57 2.16
N GLU B 191 8.59 4.73 1.30
CA GLU B 191 7.39 3.93 1.41
C GLU B 191 7.72 2.44 1.28
N VAL B 192 8.68 2.09 0.43
CA VAL B 192 8.94 0.66 0.23
C VAL B 192 9.67 0.12 1.45
N HIS B 193 10.67 0.87 1.92
CA HIS B 193 11.47 0.48 3.07
C HIS B 193 10.60 0.22 4.32
N ILE B 194 9.63 1.11 4.59
CA ILE B 194 8.75 0.90 5.73
C ILE B 194 7.88 -0.35 5.58
N HIS B 195 7.51 -0.68 4.34
CA HIS B 195 6.71 -1.88 4.11
C HIS B 195 7.48 -3.12 4.51
N ASN B 196 8.73 -3.21 4.04
CA ASN B 196 9.60 -4.35 4.32
C ASN B 196 9.87 -4.49 5.81
N LEU B 197 10.32 -3.39 6.42
CA LEU B 197 10.58 -3.30 7.86
C LEU B 197 9.39 -3.87 8.62
N ARG B 198 8.20 -3.39 8.24
CA ARG B 198 6.95 -3.87 8.80
C ARG B 198 6.76 -5.38 8.59
N GLU B 199 7.02 -5.86 7.38
CA GLU B 199 6.72 -7.25 7.04
C GLU B 199 7.48 -8.29 7.85
N LYS B 200 8.71 -7.99 8.21
CA LYS B 200 9.47 -8.88 9.11
C LYS B 200 9.15 -8.70 10.59
N ILE B 201 9.13 -7.45 11.05
CA ILE B 201 8.99 -7.16 12.49
C ILE B 201 7.56 -7.35 13.01
N GLY B 202 6.70 -7.98 12.22
CA GLY B 202 5.32 -8.12 12.61
C GLY B 202 4.46 -6.89 12.40
N LYS B 203 4.30 -6.51 11.13
CA LYS B 203 3.36 -5.46 10.70
C LYS B 203 1.97 -5.62 11.35
N SER B 204 1.58 -4.56 12.03
CA SER B 204 2.52 -3.45 12.19
C SER B 204 2.71 -2.98 13.62
N ARG B 205 3.95 -2.95 14.06
CA ARG B 205 4.27 -2.31 15.31
C ARG B 205 4.63 -0.87 14.96
N ILE B 206 4.59 -0.61 13.67
CA ILE B 206 4.78 0.72 13.14
C ILE B 206 3.38 1.07 12.70
N ARG B 207 2.78 2.05 13.34
CA ARG B 207 1.45 2.46 12.94
C ARG B 207 1.60 3.81 12.25
N THR B 208 1.01 3.92 11.06
CA THR B 208 1.24 5.05 10.17
C THR B 208 0.39 6.31 10.45
N VAL B 209 1.05 7.46 10.35
CA VAL B 209 0.37 8.74 10.54
C VAL B 209 0.23 9.40 9.17
N ARG B 210 -0.99 9.36 8.65
CA ARG B 210 -1.27 9.80 7.29
C ARG B 210 -1.00 11.30 7.09
N GLY B 211 -0.36 11.65 5.98
CA GLY B 211 -0.09 13.04 5.66
C GLY B 211 1.00 13.74 6.45
N PHE B 212 1.53 13.10 7.49
CA PHE B 212 2.64 13.72 8.22
C PHE B 212 3.87 12.81 8.13
N GLY B 213 3.91 11.78 8.97
CA GLY B 213 5.09 10.94 9.06
C GLY B 213 4.81 9.57 9.65
N TYR B 214 5.85 8.88 10.09
CA TYR B 214 5.67 7.56 10.68
C TYR B 214 5.99 7.41 12.19
N MET B 215 5.41 6.37 12.82
CA MET B 215 5.59 6.10 14.25
C MET B 215 5.40 4.61 14.60
N LEU B 216 5.97 4.19 15.74
CA LEU B 216 5.99 2.80 16.19
C LEU B 216 5.39 2.56 17.59
N ALA B 217 4.78 1.38 17.79
CA ALA B 217 4.02 1.07 19.01
C ALA B 217 4.88 0.52 20.16
N ASN B 218 4.76 1.15 21.34
CA ASN B 218 5.51 0.79 22.55
C ASN B 218 4.79 0.29 23.82
N ASN B 219 3.89 1.13 24.35
CA ASN B 219 3.16 0.87 25.62
C ASN B 219 2.62 -0.55 25.84
N MET E 1 -31.34 5.53 -15.25
CA MET E 1 -32.10 4.36 -15.67
C MET E 1 -31.56 3.07 -15.08
N LYS E 2 -32.45 2.09 -14.95
CA LYS E 2 -32.16 0.83 -14.32
C LYS E 2 -32.01 -0.29 -15.38
N ILE E 3 -30.89 -1.01 -15.32
CA ILE E 3 -30.57 -2.12 -16.23
C ILE E 3 -30.64 -3.46 -15.54
N LEU E 4 -31.36 -4.40 -16.14
CA LEU E 4 -31.35 -5.77 -15.68
C LEU E 4 -30.32 -6.54 -16.44
N VAL E 5 -29.47 -7.31 -15.76
CA VAL E 5 -28.50 -8.15 -16.44
C VAL E 5 -28.75 -9.59 -16.08
N ILE E 6 -28.79 -10.45 -17.06
CA ILE E 6 -29.03 -11.84 -16.79
C ILE E 6 -27.80 -12.60 -17.21
N GLU E 7 -27.03 -13.08 -16.25
CA GLU E 7 -25.82 -13.84 -16.57
C GLU E 7 -25.61 -14.99 -15.58
N ASP E 8 -25.37 -16.19 -16.11
CA ASP E 8 -25.15 -17.38 -15.28
C ASP E 8 -23.72 -17.50 -14.76
N ASP E 9 -22.73 -16.90 -15.43
CA ASP E 9 -21.35 -16.94 -14.93
C ASP E 9 -21.25 -15.90 -13.84
N ALA E 10 -21.01 -16.36 -12.63
CA ALA E 10 -21.21 -15.51 -11.46
C ALA E 10 -20.11 -14.50 -11.32
N LEU E 11 -18.94 -14.84 -11.79
CA LEU E 11 -17.83 -13.90 -11.73
C LEU E 11 -18.14 -12.72 -12.64
N LEU E 12 -18.61 -13.03 -13.84
CA LEU E 12 -18.94 -12.00 -14.81
C LEU E 12 -20.13 -11.16 -14.35
N LEU E 13 -21.14 -11.85 -13.83
CA LEU E 13 -22.34 -11.15 -13.44
C LEU E 13 -22.01 -9.97 -12.55
N GLN E 14 -21.17 -10.21 -11.54
CA GLN E 14 -20.77 -9.16 -10.61
C GLN E 14 -20.00 -8.11 -11.35
N GLY E 15 -19.36 -8.53 -12.42
CA GLY E 15 -18.57 -7.61 -13.20
C GLY E 15 -19.47 -6.65 -13.91
N LEU E 16 -20.42 -7.21 -14.65
CA LEU E 16 -21.37 -6.41 -15.41
C LEU E 16 -22.11 -5.43 -14.51
N ILE E 17 -22.54 -5.87 -13.34
CA ILE E 17 -23.26 -5.00 -12.43
C ILE E 17 -22.45 -3.76 -12.12
N LEU E 18 -21.24 -4.00 -11.60
CA LEU E 18 -20.31 -2.96 -11.23
C LEU E 18 -20.02 -2.11 -12.45
N ALA E 19 -19.92 -2.80 -13.58
CA ALA E 19 -19.66 -2.13 -14.84
C ALA E 19 -20.78 -1.14 -15.08
N MET E 20 -22.01 -1.61 -14.89
CA MET E 20 -23.18 -0.77 -15.12
C MET E 20 -23.26 0.43 -14.20
N GLN E 21 -23.10 0.18 -12.89
CA GLN E 21 -23.21 1.22 -11.89
C GLN E 21 -22.22 2.31 -12.26
N SER E 22 -20.97 1.91 -12.50
CA SER E 22 -19.91 2.85 -12.80
C SER E 22 -20.23 3.67 -14.05
N GLU E 23 -20.92 3.04 -15.00
CA GLU E 23 -21.28 3.70 -16.25
C GLU E 23 -22.37 4.74 -16.00
N GLY E 24 -22.93 4.71 -14.79
CA GLY E 24 -23.91 5.70 -14.35
C GLY E 24 -25.34 5.22 -14.17
N TYR E 25 -25.62 4.00 -14.61
CA TYR E 25 -26.93 3.40 -14.42
C TYR E 25 -27.08 2.78 -13.05
N VAL E 26 -28.30 2.40 -12.70
CA VAL E 26 -28.58 1.50 -11.58
C VAL E 26 -28.70 0.10 -12.13
N CYS E 27 -28.26 -0.90 -11.40
CA CYS E 27 -28.31 -2.22 -11.98
C CYS E 27 -28.78 -3.29 -11.01
N ASP E 28 -29.43 -4.30 -11.55
CA ASP E 28 -29.71 -5.53 -10.80
C ASP E 28 -29.15 -6.69 -11.63
N GLY E 29 -28.50 -7.65 -10.99
CA GLY E 29 -28.12 -8.83 -11.74
C GLY E 29 -28.99 -10.02 -11.38
N VAL E 30 -29.09 -10.97 -12.30
CA VAL E 30 -29.87 -12.15 -12.07
C VAL E 30 -29.20 -13.31 -12.76
N SER E 31 -29.21 -14.46 -12.12
CA SER E 31 -28.50 -15.62 -12.65
C SER E 31 -29.32 -16.64 -13.38
N THR E 32 -30.64 -16.50 -13.43
CA THR E 32 -31.49 -17.54 -14.03
C THR E 32 -32.70 -16.96 -14.78
N ALA E 33 -33.26 -17.73 -15.71
CA ALA E 33 -34.44 -17.22 -16.41
C ALA E 33 -35.51 -16.88 -15.42
N HIS E 34 -35.81 -17.81 -14.54
CA HIS E 34 -36.88 -17.65 -13.59
C HIS E 34 -36.71 -16.43 -12.70
N GLU E 35 -35.52 -16.23 -12.15
CA GLU E 35 -35.25 -15.07 -11.32
C GLU E 35 -35.39 -13.79 -12.13
N ALA E 36 -35.05 -13.85 -13.42
CA ALA E 36 -35.23 -12.68 -14.28
C ALA E 36 -36.72 -12.38 -14.41
N ALA E 37 -37.51 -13.40 -14.74
CA ALA E 37 -38.95 -13.24 -14.85
C ALA E 37 -39.53 -12.53 -13.62
N LEU E 38 -39.21 -13.05 -12.43
CA LEU E 38 -39.73 -12.48 -11.19
C LEU E 38 -39.22 -11.06 -11.05
N SER E 39 -37.95 -10.86 -11.38
CA SER E 39 -37.33 -9.55 -11.26
C SER E 39 -38.03 -8.56 -12.22
N LEU E 40 -38.36 -9.07 -13.41
CA LEU E 40 -39.01 -8.29 -14.45
C LEU E 40 -40.41 -7.84 -14.07
N ALA E 41 -41.18 -8.74 -13.45
CA ALA E 41 -42.55 -8.46 -13.01
C ALA E 41 -42.59 -7.35 -11.97
N SER E 42 -41.64 -7.35 -11.06
CA SER E 42 -41.64 -6.42 -9.93
C SER E 42 -41.09 -5.03 -10.20
N ASN E 43 -40.08 -4.92 -11.05
CA ASN E 43 -39.50 -3.61 -11.35
C ASN E 43 -39.58 -3.26 -12.84
N HIS E 44 -39.42 -1.98 -13.17
CA HIS E 44 -39.44 -1.55 -14.56
C HIS E 44 -38.04 -1.20 -15.05
N TYR E 45 -37.47 -2.02 -15.93
CA TYR E 45 -36.09 -1.81 -16.39
C TYR E 45 -35.99 -1.10 -17.75
N SER E 46 -35.00 -0.23 -17.89
CA SER E 46 -34.90 0.52 -19.12
C SER E 46 -34.13 -0.24 -20.21
N LEU E 47 -33.47 -1.35 -19.85
CA LEU E 47 -32.76 -2.22 -20.80
C LEU E 47 -32.41 -3.59 -20.21
N ILE E 48 -32.18 -4.59 -21.05
CA ILE E 48 -31.84 -5.89 -20.51
C ILE E 48 -30.67 -6.48 -21.26
N VAL E 49 -29.62 -6.83 -20.54
CA VAL E 49 -28.53 -7.58 -21.12
C VAL E 49 -28.77 -9.04 -20.80
N LEU E 50 -28.71 -9.91 -21.81
CA LEU E 50 -29.17 -11.27 -21.59
C LEU E 50 -28.21 -12.34 -22.11
N ASP E 51 -27.78 -13.25 -21.24
CA ASP E 51 -26.94 -14.36 -21.68
C ASP E 51 -27.85 -15.52 -22.10
N LEU E 52 -27.60 -16.06 -23.30
CA LEU E 52 -28.38 -17.17 -23.81
C LEU E 52 -28.09 -18.42 -22.98
N GLY E 53 -26.84 -18.54 -22.54
CA GLY E 53 -26.42 -19.66 -21.72
C GLY E 53 -26.98 -19.55 -20.33
N LEU E 54 -28.18 -20.10 -20.15
CA LEU E 54 -28.88 -20.06 -18.85
C LEU E 54 -29.05 -21.52 -18.39
N PRO E 55 -28.93 -21.70 -17.07
CA PRO E 55 -29.06 -23.02 -16.42
C PRO E 55 -30.44 -23.66 -16.52
N ASP E 56 -31.50 -22.90 -16.34
CA ASP E 56 -32.85 -23.49 -16.32
C ASP E 56 -33.48 -23.67 -17.70
N GLU E 57 -33.39 -22.62 -18.52
CA GLU E 57 -34.00 -22.63 -19.85
C GLU E 57 -33.14 -21.83 -20.82
N ASP E 58 -33.28 -22.08 -22.12
CA ASP E 58 -32.48 -21.36 -23.09
C ASP E 58 -32.91 -19.93 -23.18
N GLY E 59 -31.94 -19.03 -23.09
CA GLY E 59 -32.15 -17.59 -23.09
C GLY E 59 -33.04 -17.11 -24.20
N LEU E 60 -32.95 -17.82 -25.32
CA LEU E 60 -33.74 -17.54 -26.49
C LEU E 60 -35.24 -17.71 -26.21
N HIS E 61 -35.62 -18.75 -25.50
CA HIS E 61 -37.02 -18.98 -25.17
C HIS E 61 -37.58 -17.91 -24.26
N PHE E 62 -36.75 -17.45 -23.35
CA PHE E 62 -37.15 -16.39 -22.46
C PHE E 62 -37.43 -15.15 -23.28
N LEU E 63 -36.58 -14.86 -24.26
CA LEU E 63 -36.77 -13.68 -25.09
C LEU E 63 -38.10 -13.84 -25.81
N SER E 64 -38.29 -15.01 -26.42
CA SER E 64 -39.50 -15.28 -27.16
C SER E 64 -40.76 -15.07 -26.35
N ARG E 65 -40.78 -15.62 -25.13
CA ARG E 65 -41.95 -15.51 -24.27
C ARG E 65 -42.12 -14.07 -23.88
N MET E 66 -41.00 -13.42 -23.65
CA MET E 66 -41.02 -12.05 -23.22
C MET E 66 -41.62 -11.09 -24.27
N ARG E 67 -41.26 -11.27 -25.54
CA ARG E 67 -41.79 -10.39 -26.58
C ARG E 67 -43.26 -10.70 -26.90
N ARG E 68 -43.62 -11.99 -26.81
CA ARG E 68 -45.01 -12.43 -26.99
C ARG E 68 -45.91 -11.78 -25.94
N GLU E 69 -45.39 -11.58 -24.75
CA GLU E 69 -46.15 -10.97 -23.67
C GLU E 69 -46.05 -9.45 -23.80
N LYS E 70 -45.48 -9.02 -24.93
CA LYS E 70 -45.45 -7.61 -25.29
C LYS E 70 -44.70 -6.71 -24.33
N MET E 71 -43.50 -7.16 -23.94
CA MET E 71 -42.57 -6.33 -23.19
C MET E 71 -41.71 -5.61 -24.23
N THR E 72 -41.74 -4.30 -24.21
CA THR E 72 -41.14 -3.54 -25.31
C THR E 72 -39.73 -3.02 -25.09
N GLN E 73 -39.14 -3.29 -23.94
CA GLN E 73 -37.90 -2.61 -23.60
C GLN E 73 -36.75 -3.21 -24.42
N PRO E 74 -35.71 -2.40 -24.66
CA PRO E 74 -34.60 -2.84 -25.48
C PRO E 74 -33.77 -3.92 -24.84
N VAL E 75 -33.44 -4.94 -25.62
CA VAL E 75 -32.64 -6.07 -25.16
C VAL E 75 -31.36 -6.24 -25.99
N LEU E 76 -30.21 -6.34 -25.34
CA LEU E 76 -28.96 -6.67 -25.99
C LEU E 76 -28.54 -8.04 -25.53
N ILE E 77 -28.63 -9.03 -26.41
CA ILE E 77 -28.14 -10.34 -26.07
C ILE E 77 -26.64 -10.23 -26.01
N LEU E 78 -26.01 -10.65 -24.92
CA LEU E 78 -24.55 -10.72 -24.86
C LEU E 78 -24.17 -12.14 -24.58
N THR E 79 -23.69 -12.87 -25.58
CA THR E 79 -23.60 -14.32 -25.41
C THR E 79 -22.32 -14.94 -25.92
N ALA E 80 -22.15 -16.22 -25.60
CA ALA E 80 -21.03 -16.98 -26.11
C ALA E 80 -21.34 -17.73 -27.41
N ARG E 81 -22.53 -17.56 -27.98
CA ARG E 81 -22.83 -18.27 -29.23
C ARG E 81 -22.54 -17.32 -30.37
N ASP E 82 -21.42 -17.52 -31.07
CA ASP E 82 -20.95 -16.56 -32.08
C ASP E 82 -21.22 -16.86 -33.57
N THR E 83 -21.89 -17.96 -33.88
CA THR E 83 -22.11 -18.37 -35.27
C THR E 83 -22.83 -17.25 -35.98
N LEU E 84 -22.57 -17.11 -37.26
CA LEU E 84 -23.42 -16.22 -38.02
C LEU E 84 -24.83 -16.73 -37.90
N GLU E 85 -25.00 -18.05 -37.90
CA GLU E 85 -26.34 -18.58 -37.80
C GLU E 85 -26.98 -18.17 -36.48
N ASP E 86 -26.21 -18.07 -35.40
CA ASP E 86 -26.79 -17.62 -34.13
C ASP E 86 -27.19 -16.15 -34.16
N ARG E 87 -26.29 -15.31 -34.65
CA ARG E 87 -26.49 -13.87 -34.61
C ARG E 87 -27.79 -13.53 -35.35
N ILE E 88 -28.04 -14.18 -36.49
CA ILE E 88 -29.26 -13.89 -37.22
C ILE E 88 -30.41 -14.30 -36.33
N SER E 89 -30.28 -15.49 -35.77
CA SER E 89 -31.32 -16.08 -34.96
C SER E 89 -31.68 -15.25 -33.72
N GLY E 90 -30.69 -14.63 -33.12
CA GLY E 90 -30.92 -13.81 -31.94
C GLY E 90 -31.71 -12.57 -32.25
N LEU E 91 -31.30 -11.90 -33.32
CA LEU E 91 -31.90 -10.65 -33.72
C LEU E 91 -33.29 -10.89 -34.22
N ASP E 92 -33.51 -12.07 -34.75
CA ASP E 92 -34.79 -12.41 -35.30
C ASP E 92 -35.76 -12.87 -34.23
N THR E 93 -35.35 -12.87 -32.97
CA THR E 93 -36.25 -13.34 -31.91
C THR E 93 -37.15 -12.32 -31.20
N GLY E 94 -36.76 -11.09 -31.05
CA GLY E 94 -35.44 -10.63 -31.36
C GLY E 94 -35.02 -9.47 -30.49
N ALA E 95 -33.72 -9.49 -30.25
CA ALA E 95 -32.99 -8.50 -29.53
C ALA E 95 -32.78 -7.31 -30.43
N ASP E 96 -32.43 -6.19 -29.85
CA ASP E 96 -32.10 -5.02 -30.65
C ASP E 96 -30.61 -5.00 -30.98
N ASP E 97 -29.86 -5.90 -30.35
CA ASP E 97 -28.44 -6.05 -30.66
C ASP E 97 -27.91 -7.40 -30.17
N TYR E 98 -26.78 -7.84 -30.72
CA TYR E 98 -26.18 -9.12 -30.34
C TYR E 98 -24.70 -8.84 -30.28
N LEU E 99 -24.11 -9.10 -29.12
CA LEU E 99 -22.71 -8.84 -28.92
C LEU E 99 -22.13 -10.14 -28.45
N VAL E 100 -21.12 -10.60 -29.18
CA VAL E 100 -20.51 -11.92 -28.95
C VAL E 100 -19.38 -11.91 -27.90
N LYS E 101 -19.27 -12.99 -27.14
CA LYS E 101 -18.21 -13.13 -26.16
C LYS E 101 -16.91 -13.76 -26.72
N PRO E 102 -15.74 -13.17 -26.39
CA PRO E 102 -15.52 -12.04 -25.51
C PRO E 102 -15.82 -10.72 -26.19
N PHE E 103 -15.80 -9.65 -25.40
CA PHE E 103 -16.20 -8.35 -25.89
C PHE E 103 -15.44 -7.26 -25.18
N ALA E 104 -15.31 -6.13 -25.84
CA ALA E 104 -14.82 -4.96 -25.16
C ALA E 104 -15.98 -4.44 -24.31
N LEU E 105 -15.72 -4.13 -23.04
CA LEU E 105 -16.78 -3.54 -22.21
C LEU E 105 -17.14 -2.20 -22.80
N GLU E 106 -16.14 -1.43 -23.19
CA GLU E 106 -16.41 -0.11 -23.73
C GLU E 106 -17.19 -0.20 -25.04
N GLU E 107 -17.15 -1.36 -25.70
CA GLU E 107 -18.06 -1.61 -26.81
C GLU E 107 -19.49 -1.79 -26.26
N LEU E 108 -19.61 -2.58 -25.21
CA LEU E 108 -20.91 -2.84 -24.60
C LEU E 108 -21.56 -1.55 -24.12
N ASN E 109 -20.82 -0.76 -23.34
CA ASN E 109 -21.33 0.50 -22.82
C ASN E 109 -21.79 1.44 -23.92
N ALA E 110 -21.08 1.41 -25.05
CA ALA E 110 -21.36 2.32 -26.16
C ALA E 110 -22.57 1.85 -26.93
N ARG E 111 -22.68 0.54 -27.10
CA ARG E 111 -23.85 -0.01 -27.75
C ARG E 111 -25.09 0.22 -26.91
N ILE E 112 -24.94 0.01 -25.61
CA ILE E 112 -26.03 0.25 -24.70
C ILE E 112 -26.47 1.70 -24.80
N ARG E 113 -25.51 2.62 -24.71
CA ARG E 113 -25.82 4.02 -24.83
C ARG E 113 -26.56 4.30 -26.14
N ALA E 114 -26.20 3.58 -27.18
CA ALA E 114 -26.83 3.80 -28.47
C ALA E 114 -28.29 3.31 -28.53
N LEU E 115 -28.63 2.28 -27.75
CA LEU E 115 -30.02 1.78 -27.76
C LEU E 115 -30.96 2.67 -26.93
N LEU E 116 -30.47 3.16 -25.80
CA LEU E 116 -31.31 3.96 -24.95
C LEU E 116 -31.46 5.24 -25.71
N ARG E 117 -30.38 5.67 -26.38
CA ARG E 117 -30.40 6.90 -27.15
C ARG E 117 -31.48 6.82 -28.20
N ARG E 118 -31.65 5.66 -28.82
CA ARG E 118 -32.72 5.55 -29.81
C ARG E 118 -34.05 5.38 -29.13
N HIS E 119 -34.07 4.57 -28.09
CA HIS E 119 -35.32 4.21 -27.43
C HIS E 119 -35.93 5.35 -26.62
N ASN E 120 -35.24 5.80 -25.57
CA ASN E 120 -35.81 6.81 -24.70
C ASN E 120 -35.87 8.20 -25.31
N ASN E 121 -34.76 8.74 -25.81
CA ASN E 121 -34.86 9.99 -26.57
C ASN E 121 -35.03 9.58 -28.03
N GLN E 122 -36.08 10.03 -28.70
CA GLN E 122 -36.35 9.38 -29.99
C GLN E 122 -35.47 10.03 -31.00
N GLY E 123 -34.37 9.38 -31.32
CA GLY E 123 -33.40 10.14 -32.06
C GLY E 123 -31.91 10.01 -31.80
N ASP E 124 -31.27 11.13 -32.14
CA ASP E 124 -29.97 11.60 -31.69
C ASP E 124 -29.83 11.90 -30.20
N ASN E 125 -28.63 11.72 -29.66
CA ASN E 125 -28.16 12.64 -28.62
C ASN E 125 -27.98 13.91 -29.41
N GLU E 126 -28.51 15.05 -28.98
CA GLU E 126 -28.91 15.43 -27.64
C GLU E 126 -30.33 16.03 -27.61
N ILE E 127 -30.81 16.43 -26.43
CA ILE E 127 -32.13 17.05 -26.28
C ILE E 127 -32.15 18.32 -25.45
N SER E 128 -32.85 19.36 -25.92
CA SER E 128 -32.87 20.66 -25.24
C SER E 128 -34.27 21.14 -24.87
N VAL E 129 -34.43 21.62 -23.63
CA VAL E 129 -35.68 22.24 -23.22
C VAL E 129 -35.42 23.65 -22.69
N GLY E 130 -35.91 24.65 -23.43
CA GLY E 130 -35.58 26.02 -23.12
C GLY E 130 -34.09 26.25 -23.26
N ASN E 131 -33.53 27.00 -22.33
CA ASN E 131 -32.12 27.30 -22.30
C ASN E 131 -31.30 26.19 -21.64
N LEU E 132 -31.98 25.13 -21.22
CA LEU E 132 -31.31 23.94 -20.71
C LEU E 132 -30.86 22.98 -21.84
N ARG E 133 -29.56 22.73 -21.93
CA ARG E 133 -29.02 21.81 -22.93
C ARG E 133 -28.42 20.55 -22.27
N LEU E 134 -28.92 19.37 -22.65
CA LEU E 134 -28.39 18.11 -22.13
C LEU E 134 -27.88 17.16 -23.23
N ASN E 135 -26.68 16.61 -23.03
CA ASN E 135 -26.15 15.58 -23.93
C ASN E 135 -26.31 14.19 -23.35
N VAL E 136 -27.19 13.40 -23.96
CA VAL E 136 -27.51 12.08 -23.44
C VAL E 136 -26.34 11.12 -23.52
N THR E 137 -25.57 11.25 -24.59
CA THR E 137 -24.48 10.31 -24.88
C THR E 137 -23.22 10.54 -24.06
N ARG E 138 -22.80 11.79 -23.96
CA ARG E 138 -21.58 12.12 -23.25
C ARG E 138 -21.87 12.23 -21.76
N ARG E 139 -23.16 12.17 -21.43
CA ARG E 139 -23.64 12.37 -20.08
C ARG E 139 -23.17 13.69 -19.48
N LEU E 140 -23.68 14.80 -20.01
CA LEU E 140 -23.31 16.12 -19.51
C LEU E 140 -24.44 17.15 -19.68
N VAL E 141 -24.54 18.09 -18.74
CA VAL E 141 -25.68 18.99 -18.69
C VAL E 141 -25.25 20.46 -18.70
N TRP E 142 -25.97 21.27 -19.48
CA TRP E 142 -25.66 22.68 -19.64
C TRP E 142 -26.84 23.57 -19.27
N LEU E 143 -26.72 24.40 -18.23
CA LEU E 143 -27.72 25.47 -18.05
C LEU E 143 -27.17 26.71 -18.73
N GLY E 144 -27.85 27.12 -19.80
CA GLY E 144 -27.35 28.15 -20.69
C GLY E 144 -26.07 27.68 -21.35
N GLU E 145 -25.10 28.56 -21.51
CA GLU E 145 -23.84 28.17 -22.13
C GLU E 145 -22.80 27.73 -21.12
N THR E 146 -23.15 27.65 -19.84
CA THR E 146 -22.19 27.12 -18.87
C THR E 146 -22.61 25.76 -18.30
N ALA E 147 -21.63 24.92 -17.98
CA ALA E 147 -21.90 23.56 -17.52
C ALA E 147 -22.04 23.49 -16.01
N LEU E 148 -22.70 22.44 -15.53
CA LEU E 148 -22.92 22.24 -14.09
C LEU E 148 -22.62 20.83 -13.60
N ASP E 149 -22.04 20.71 -12.40
CA ASP E 149 -21.82 19.40 -11.79
C ASP E 149 -23.15 18.93 -11.21
N LEU E 150 -23.62 17.80 -11.73
CA LEU E 150 -24.80 17.15 -11.16
C LEU E 150 -24.31 15.84 -10.66
N THR E 151 -24.78 15.45 -9.48
CA THR E 151 -24.50 14.13 -8.92
C THR E 151 -25.23 13.01 -9.67
N PRO E 152 -24.67 11.81 -9.66
CA PRO E 152 -25.24 10.67 -10.38
C PRO E 152 -26.76 10.55 -10.35
N LYS E 153 -27.39 10.72 -9.19
CA LYS E 153 -28.84 10.64 -9.11
C LYS E 153 -29.46 11.88 -9.71
N GLU E 154 -28.92 13.04 -9.36
CA GLU E 154 -29.36 14.33 -9.91
C GLU E 154 -29.37 14.30 -11.42
N TYR E 155 -28.35 13.69 -12.03
CA TYR E 155 -28.35 13.56 -13.47
C TYR E 155 -29.47 12.62 -13.95
N ALA E 156 -29.57 11.42 -13.37
CA ALA E 156 -30.56 10.44 -13.83
C ALA E 156 -31.99 10.95 -13.74
N LEU E 157 -32.20 11.84 -12.78
CA LEU E 157 -33.51 12.41 -12.53
C LEU E 157 -33.71 13.42 -13.63
N LEU E 158 -32.85 14.43 -13.68
CA LEU E 158 -32.96 15.45 -14.71
C LEU E 158 -33.10 14.80 -16.09
N SER E 159 -32.42 13.67 -16.28
CA SER E 159 -32.56 12.90 -17.51
C SER E 159 -33.98 12.46 -17.79
N ARG E 160 -34.53 11.60 -16.92
CA ARG E 160 -35.88 11.08 -17.11
C ARG E 160 -36.85 12.24 -17.29
N LEU E 161 -36.58 13.33 -16.60
CA LEU E 161 -37.38 14.53 -16.72
C LEU E 161 -37.33 15.17 -18.09
N MET E 162 -36.14 15.39 -18.65
CA MET E 162 -36.06 16.09 -19.93
C MET E 162 -36.53 15.34 -21.16
N MET E 163 -36.36 14.02 -21.16
CA MET E 163 -36.86 13.20 -22.26
C MET E 163 -38.39 13.23 -22.31
N LYS E 164 -39.01 13.18 -21.14
CA LYS E 164 -40.47 13.19 -21.04
C LYS E 164 -41.00 14.61 -20.84
N ALA E 165 -40.10 15.59 -20.95
CA ALA E 165 -40.38 16.98 -20.59
C ALA E 165 -41.65 17.63 -21.17
N GLY E 166 -42.37 18.32 -20.30
CA GLY E 166 -43.66 18.91 -20.62
C GLY E 166 -44.79 18.04 -20.08
N SER E 167 -44.50 16.76 -19.90
CA SER E 167 -45.46 15.82 -19.34
C SER E 167 -44.94 15.35 -17.96
N PRO E 168 -45.81 15.37 -16.93
CA PRO E 168 -45.38 14.95 -15.59
C PRO E 168 -44.92 13.50 -15.56
N VAL E 169 -43.74 13.25 -15.02
CA VAL E 169 -43.27 11.87 -14.98
C VAL E 169 -43.73 11.27 -13.70
N HIS E 170 -44.37 10.13 -13.81
CA HIS E 170 -44.92 9.48 -12.64
C HIS E 170 -43.81 9.29 -11.58
N ARG E 171 -44.13 9.58 -10.32
CA ARG E 171 -43.18 9.45 -9.20
C ARG E 171 -42.66 8.03 -9.08
N GLU E 172 -43.55 7.09 -9.35
CA GLU E 172 -43.20 5.68 -9.31
C GLU E 172 -42.06 5.34 -10.26
N ILE E 173 -41.93 6.12 -11.34
CA ILE E 173 -40.86 5.93 -12.31
C ILE E 173 -39.54 6.47 -11.83
N LEU E 174 -39.50 7.70 -11.35
CA LEU E 174 -38.21 8.27 -10.98
C LEU E 174 -37.55 7.50 -9.85
N TYR E 175 -38.34 7.03 -8.89
CA TYR E 175 -37.82 6.23 -7.81
C TYR E 175 -37.24 4.93 -8.37
N ASN E 176 -37.90 4.33 -9.36
CA ASN E 176 -37.38 3.11 -9.95
C ASN E 176 -36.13 3.33 -10.82
N ASP E 177 -35.97 4.53 -11.39
CA ASP E 177 -34.76 4.81 -12.16
C ASP E 177 -33.51 4.99 -11.32
N ILE E 178 -33.63 5.51 -10.11
CA ILE E 178 -32.46 5.74 -9.26
C ILE E 178 -32.15 4.70 -8.17
N TYR E 179 -32.94 3.65 -7.99
CA TYR E 179 -32.66 2.67 -6.94
C TYR E 179 -32.72 1.19 -7.29
N SER E 180 -31.79 0.39 -6.74
CA SER E 180 -31.68 -1.05 -7.03
C SER E 180 -32.89 -1.76 -6.48
N GLY E 181 -33.12 -3.00 -6.88
CA GLY E 181 -34.36 -3.67 -6.55
C GLY E 181 -34.57 -3.81 -5.06
N ASP E 182 -33.50 -4.14 -4.34
CA ASP E 182 -33.57 -4.30 -2.90
C ASP E 182 -33.26 -3.02 -2.13
N ASN E 183 -32.81 -1.96 -2.80
CA ASN E 183 -32.42 -0.75 -2.07
C ASN E 183 -33.54 0.05 -1.38
N GLU E 184 -34.59 0.40 -2.10
CA GLU E 184 -35.88 0.63 -1.47
C GLU E 184 -35.75 1.48 -0.19
N PRO E 185 -35.27 2.71 -0.30
CA PRO E 185 -34.87 3.47 0.88
C PRO E 185 -36.03 3.66 1.86
N ALA E 186 -37.21 3.95 1.33
CA ALA E 186 -38.44 4.01 2.13
C ALA E 186 -38.58 5.26 3.01
N THR E 187 -37.65 6.20 2.91
CA THR E 187 -37.67 7.36 3.81
C THR E 187 -37.49 8.75 3.19
N ASN E 188 -38.49 9.26 2.48
CA ASN E 188 -38.47 10.66 2.03
C ASN E 188 -37.18 10.99 1.28
N THR E 189 -36.80 10.09 0.38
CA THR E 189 -35.47 10.08 -0.21
C THR E 189 -35.37 10.83 -1.55
N LEU E 190 -36.32 10.54 -2.42
CA LEU E 190 -36.40 11.17 -3.73
C LEU E 190 -36.54 12.68 -3.63
N GLU E 191 -37.41 13.09 -2.70
CA GLU E 191 -37.84 14.47 -2.52
C GLU E 191 -36.67 15.40 -2.30
N VAL E 192 -35.63 14.85 -1.70
CA VAL E 192 -34.42 15.60 -1.36
C VAL E 192 -33.59 15.89 -2.58
N HIS E 193 -33.37 14.81 -3.32
CA HIS E 193 -32.56 14.80 -4.54
C HIS E 193 -33.11 15.85 -5.51
N ILE E 194 -34.44 15.91 -5.61
CA ILE E 194 -35.09 16.92 -6.45
C ILE E 194 -34.88 18.32 -5.90
N HIS E 195 -34.82 18.45 -4.58
CA HIS E 195 -34.59 19.76 -4.01
C HIS E 195 -33.23 20.20 -4.50
N ASN E 196 -32.27 19.29 -4.40
CA ASN E 196 -30.88 19.54 -4.79
C ASN E 196 -30.75 19.93 -6.25
N LEU E 197 -31.28 19.05 -7.09
CA LEU E 197 -31.38 19.26 -8.52
C LEU E 197 -31.97 20.63 -8.77
N ARG E 198 -33.07 20.94 -8.08
CA ARG E 198 -33.74 22.24 -8.20
C ARG E 198 -32.82 23.41 -7.90
N GLU E 199 -32.10 23.31 -6.78
CA GLU E 199 -31.25 24.40 -6.33
C GLU E 199 -30.15 24.65 -7.36
N LYS E 200 -29.69 23.56 -7.98
CA LYS E 200 -28.68 23.59 -9.04
C LYS E 200 -29.23 24.02 -10.38
N ILE E 201 -30.32 23.38 -10.76
CA ILE E 201 -30.94 23.58 -12.06
C ILE E 201 -31.59 24.95 -12.13
N GLY E 202 -31.81 25.55 -10.96
CA GLY E 202 -32.53 26.81 -10.91
C GLY E 202 -34.04 26.73 -10.80
N LYS E 203 -34.53 26.25 -9.66
CA LYS E 203 -35.95 26.10 -9.46
C LYS E 203 -36.64 27.45 -9.63
N SER E 204 -37.76 27.41 -10.32
CA SER E 204 -38.26 26.12 -10.75
C SER E 204 -38.52 26.01 -12.22
N ARG E 205 -37.66 25.19 -12.82
CA ARG E 205 -37.82 24.68 -14.16
C ARG E 205 -38.48 23.32 -13.93
N ILE E 206 -38.40 22.86 -12.69
CA ILE E 206 -39.06 21.63 -12.24
C ILE E 206 -40.22 21.93 -11.32
N ARG E 207 -41.43 21.53 -11.73
CA ARG E 207 -42.66 21.77 -10.99
C ARG E 207 -43.27 20.50 -10.39
N THR E 208 -43.74 20.57 -9.14
CA THR E 208 -44.29 19.38 -8.48
C THR E 208 -45.73 19.18 -8.93
N VAL E 209 -46.09 17.97 -9.33
CA VAL E 209 -47.48 17.73 -9.66
C VAL E 209 -48.05 16.70 -8.72
N ARG E 210 -48.83 17.16 -7.75
CA ARG E 210 -49.27 16.28 -6.68
C ARG E 210 -50.10 15.11 -7.15
N GLY E 211 -49.84 13.96 -6.55
CA GLY E 211 -50.50 12.71 -6.91
C GLY E 211 -49.89 12.13 -8.17
N PHE E 212 -48.98 12.89 -8.77
CA PHE E 212 -48.18 12.45 -9.88
C PHE E 212 -46.74 12.71 -9.44
N GLY E 213 -45.81 12.63 -10.38
CA GLY E 213 -44.42 12.92 -10.08
C GLY E 213 -44.11 14.41 -10.28
N TYR E 214 -42.85 14.68 -10.56
CA TYR E 214 -42.30 16.00 -10.86
C TYR E 214 -42.35 16.24 -12.40
N MET E 215 -42.25 17.47 -12.87
CA MET E 215 -42.35 17.75 -14.31
C MET E 215 -41.52 18.96 -14.73
N LEU E 216 -41.18 19.08 -16.01
CA LEU E 216 -40.28 20.13 -16.47
C LEU E 216 -40.99 21.13 -17.41
N ALA E 217 -40.70 22.42 -17.24
CA ALA E 217 -41.44 23.47 -17.94
C ALA E 217 -40.83 23.88 -19.27
N ASN E 218 -41.66 23.96 -20.31
CA ASN E 218 -41.20 24.34 -21.66
C ASN E 218 -41.00 25.85 -21.94
N ASN E 219 -41.98 26.68 -21.56
CA ASN E 219 -41.89 28.12 -21.83
C ASN E 219 -42.27 29.02 -20.63
N MET F 1 -40.71 0.05 -46.66
CA MET F 1 -39.91 1.19 -46.24
C MET F 1 -38.86 1.52 -47.28
N LYS F 2 -38.43 2.77 -47.31
CA LYS F 2 -37.49 3.21 -48.32
C LYS F 2 -36.15 3.31 -47.61
N ILE F 3 -35.14 2.57 -48.09
CA ILE F 3 -33.81 2.59 -47.46
C ILE F 3 -32.84 3.35 -48.33
N LEU F 4 -32.12 4.32 -47.75
CA LEU F 4 -31.04 4.96 -48.48
C LEU F 4 -29.69 4.29 -48.18
N VAL F 5 -28.91 4.05 -49.24
CA VAL F 5 -27.59 3.47 -49.09
C VAL F 5 -26.52 4.42 -49.57
N ILE F 6 -25.46 4.57 -48.79
CA ILE F 6 -24.35 5.43 -49.19
C ILE F 6 -23.06 4.65 -49.29
N GLU F 7 -22.58 4.39 -50.52
CA GLU F 7 -21.30 3.66 -50.72
C GLU F 7 -20.53 4.18 -51.93
N ASP F 8 -19.26 4.49 -51.73
CA ASP F 8 -18.44 5.08 -52.77
C ASP F 8 -17.96 4.04 -53.80
N ASP F 9 -17.76 2.79 -53.37
CA ASP F 9 -17.36 1.74 -54.31
C ASP F 9 -18.60 1.28 -55.03
N ALA F 10 -18.63 1.54 -56.32
CA ALA F 10 -19.86 1.42 -57.08
C ALA F 10 -20.24 -0.01 -57.39
N LEU F 11 -19.25 -0.90 -57.40
CA LEU F 11 -19.55 -2.30 -57.61
C LEU F 11 -20.44 -2.81 -56.47
N LEU F 12 -20.00 -2.48 -55.25
CA LEU F 12 -20.72 -2.86 -54.05
C LEU F 12 -22.03 -2.09 -53.87
N LEU F 13 -21.96 -0.77 -54.05
CA LEU F 13 -23.12 0.10 -53.86
C LEU F 13 -24.31 -0.43 -54.64
N GLN F 14 -24.10 -0.77 -55.90
CA GLN F 14 -25.18 -1.35 -56.70
C GLN F 14 -25.51 -2.75 -56.19
N GLY F 15 -24.53 -3.38 -55.54
CA GLY F 15 -24.77 -4.71 -55.01
C GLY F 15 -25.80 -4.62 -53.92
N LEU F 16 -25.53 -3.74 -52.95
CA LEU F 16 -26.42 -3.52 -51.82
C LEU F 16 -27.83 -3.15 -52.28
N ILE F 17 -27.90 -2.23 -53.23
CA ILE F 17 -29.18 -1.76 -53.74
C ILE F 17 -30.06 -2.92 -54.19
N LEU F 18 -29.52 -3.74 -55.08
CA LEU F 18 -30.21 -4.90 -55.57
C LEU F 18 -30.56 -5.79 -54.38
N ALA F 19 -29.61 -5.88 -53.44
CA ALA F 19 -29.79 -6.73 -52.26
C ALA F 19 -31.00 -6.27 -51.45
N MET F 20 -31.09 -4.97 -51.18
CA MET F 20 -32.20 -4.44 -50.39
C MET F 20 -33.50 -4.71 -51.10
N GLN F 21 -33.53 -4.43 -52.40
CA GLN F 21 -34.72 -4.69 -53.20
C GLN F 21 -35.05 -6.17 -53.11
N SER F 22 -34.05 -7.01 -53.30
CA SER F 22 -34.32 -8.44 -53.30
C SER F 22 -34.90 -8.86 -51.96
N GLU F 23 -34.45 -8.21 -50.89
CA GLU F 23 -35.01 -8.49 -49.57
C GLU F 23 -36.40 -7.93 -49.41
N GLY F 24 -36.82 -7.09 -50.34
CA GLY F 24 -38.17 -6.56 -50.34
C GLY F 24 -38.40 -5.08 -50.06
N TYR F 25 -37.37 -4.34 -49.64
CA TYR F 25 -37.50 -2.89 -49.44
C TYR F 25 -37.43 -2.14 -50.74
N VAL F 26 -37.93 -0.91 -50.72
CA VAL F 26 -37.66 0.01 -51.82
C VAL F 26 -36.34 0.69 -51.51
N CYS F 27 -35.47 0.82 -52.49
CA CYS F 27 -34.14 1.31 -52.16
C CYS F 27 -33.58 2.33 -53.13
N ASP F 28 -32.79 3.25 -52.56
CA ASP F 28 -32.01 4.26 -53.28
C ASP F 28 -30.56 4.20 -52.79
N GLY F 29 -29.61 4.38 -53.69
CA GLY F 29 -28.22 4.47 -53.26
C GLY F 29 -27.49 5.55 -54.01
N VAL F 30 -26.41 6.01 -53.41
CA VAL F 30 -25.64 7.11 -53.96
C VAL F 30 -24.14 6.97 -53.68
N SER F 31 -23.32 7.58 -54.53
CA SER F 31 -21.88 7.39 -54.43
C SER F 31 -21.13 8.44 -53.63
N THR F 32 -21.80 9.50 -53.18
CA THR F 32 -21.10 10.55 -52.44
C THR F 32 -21.93 11.13 -51.32
N ALA F 33 -21.24 11.80 -50.39
CA ALA F 33 -21.92 12.48 -49.28
C ALA F 33 -22.87 13.53 -49.81
N HIS F 34 -22.36 14.36 -50.72
CA HIS F 34 -23.14 15.46 -51.23
C HIS F 34 -24.42 15.00 -51.90
N GLU F 35 -24.30 13.99 -52.76
CA GLU F 35 -25.46 13.47 -53.48
C GLU F 35 -26.46 12.87 -52.51
N ALA F 36 -25.95 12.32 -51.41
CA ALA F 36 -26.78 11.76 -50.35
C ALA F 36 -27.65 12.86 -49.74
N ALA F 37 -27.01 13.99 -49.45
CA ALA F 37 -27.71 15.16 -48.92
C ALA F 37 -28.94 15.51 -49.75
N LEU F 38 -28.78 15.61 -51.07
CA LEU F 38 -29.87 15.97 -51.97
C LEU F 38 -30.97 14.92 -51.99
N SER F 39 -30.57 13.65 -52.03
CA SER F 39 -31.53 12.56 -52.06
C SER F 39 -32.27 12.55 -50.74
N LEU F 40 -31.54 12.84 -49.67
CA LEU F 40 -32.09 12.90 -48.33
C LEU F 40 -33.15 13.98 -48.21
N ALA F 41 -32.83 15.14 -48.79
CA ALA F 41 -33.70 16.31 -48.84
C ALA F 41 -34.97 16.05 -49.66
N SER F 42 -34.84 15.34 -50.77
CA SER F 42 -35.97 15.16 -51.68
C SER F 42 -36.94 14.05 -51.24
N ASN F 43 -36.42 12.97 -50.67
CA ASN F 43 -37.26 11.84 -50.27
C ASN F 43 -37.30 11.62 -48.76
N HIS F 44 -38.32 10.90 -48.31
CA HIS F 44 -38.43 10.53 -46.90
C HIS F 44 -38.10 9.03 -46.74
N TYR F 45 -36.94 8.76 -46.15
CA TYR F 45 -36.42 7.39 -45.95
C TYR F 45 -36.61 6.80 -44.55
N SER F 46 -36.93 5.50 -44.47
CA SER F 46 -37.13 4.85 -43.18
C SER F 46 -35.86 4.33 -42.55
N LEU F 47 -34.73 4.44 -43.26
CA LEU F 47 -33.41 4.01 -42.71
C LEU F 47 -32.26 4.39 -43.65
N ILE F 48 -31.06 4.44 -43.09
CA ILE F 48 -29.87 4.79 -43.86
C ILE F 48 -28.72 3.87 -43.52
N VAL F 49 -28.14 3.23 -44.54
CA VAL F 49 -26.88 2.52 -44.36
C VAL F 49 -25.77 3.39 -44.90
N LEU F 50 -24.73 3.62 -44.11
CA LEU F 50 -23.75 4.66 -44.44
C LEU F 50 -22.30 4.21 -44.30
N ASP F 51 -21.48 4.33 -45.36
CA ASP F 51 -20.03 3.98 -45.32
C ASP F 51 -19.30 5.19 -44.81
N LEU F 52 -18.28 4.99 -43.99
CA LEU F 52 -17.50 6.13 -43.50
C LEU F 52 -16.45 6.66 -44.51
N GLY F 53 -15.76 5.77 -45.24
CA GLY F 53 -14.79 6.22 -46.23
C GLY F 53 -15.54 6.73 -47.45
N LEU F 54 -15.38 8.02 -47.76
CA LEU F 54 -16.17 8.69 -48.81
C LEU F 54 -15.35 9.76 -49.53
N PRO F 55 -15.68 10.02 -50.82
CA PRO F 55 -14.84 10.98 -51.54
C PRO F 55 -14.82 12.41 -50.98
N ASP F 56 -15.99 12.99 -50.73
CA ASP F 56 -16.04 14.41 -50.35
C ASP F 56 -15.84 14.61 -48.87
N GLU F 57 -16.75 14.01 -48.10
CA GLU F 57 -16.83 14.25 -46.68
C GLU F 57 -16.82 12.93 -45.93
N ASP F 58 -16.20 12.95 -44.76
CA ASP F 58 -16.07 11.74 -43.96
C ASP F 58 -17.44 11.32 -43.45
N GLY F 59 -17.75 10.03 -43.52
CA GLY F 59 -19.06 9.55 -43.10
C GLY F 59 -19.52 10.00 -41.72
N LEU F 60 -18.61 9.98 -40.74
CA LEU F 60 -18.94 10.44 -39.39
C LEU F 60 -19.23 11.95 -39.37
N HIS F 61 -18.42 12.71 -40.11
CA HIS F 61 -18.63 14.13 -40.19
C HIS F 61 -19.97 14.38 -40.86
N PHE F 62 -20.33 13.55 -41.84
CA PHE F 62 -21.65 13.67 -42.46
C PHE F 62 -22.72 13.27 -41.44
N LEU F 63 -22.45 12.20 -40.71
CA LEU F 63 -23.40 11.66 -39.74
C LEU F 63 -23.71 12.68 -38.67
N SER F 64 -22.64 13.21 -38.06
CA SER F 64 -22.76 14.17 -36.98
C SER F 64 -23.62 15.35 -37.45
N ARG F 65 -23.36 15.79 -38.67
CA ARG F 65 -24.11 16.89 -39.24
C ARG F 65 -25.58 16.52 -39.45
N MET F 66 -25.83 15.28 -39.85
CA MET F 66 -27.19 14.83 -40.10
C MET F 66 -28.00 14.88 -38.82
N ARG F 67 -27.35 14.55 -37.70
CA ARG F 67 -28.01 14.58 -36.41
C ARG F 67 -28.23 16.04 -35.98
N ARG F 68 -27.30 16.92 -36.34
CA ARG F 68 -27.50 18.34 -36.10
C ARG F 68 -28.74 18.86 -36.83
N GLU F 69 -29.08 18.27 -37.96
CA GLU F 69 -30.24 18.75 -38.73
C GLU F 69 -31.51 18.14 -38.12
N LYS F 70 -31.31 17.43 -37.03
CA LYS F 70 -32.36 16.79 -36.24
C LYS F 70 -33.10 15.80 -37.16
N MET F 71 -32.32 15.05 -37.93
CA MET F 71 -32.85 13.94 -38.70
C MET F 71 -32.72 12.70 -37.87
N THR F 72 -33.83 12.14 -37.41
CA THR F 72 -33.71 10.98 -36.57
C THR F 72 -34.23 9.76 -37.33
N GLN F 73 -33.30 8.96 -37.82
CA GLN F 73 -33.60 7.80 -38.66
C GLN F 73 -32.60 6.80 -38.23
N PRO F 74 -32.95 5.52 -38.37
CA PRO F 74 -31.95 4.56 -37.92
C PRO F 74 -30.77 4.64 -38.87
N VAL F 75 -29.56 4.65 -38.33
CA VAL F 75 -28.38 4.66 -39.18
C VAL F 75 -27.59 3.45 -38.81
N LEU F 76 -27.28 2.65 -39.83
CA LEU F 76 -26.37 1.52 -39.68
C LEU F 76 -25.14 1.88 -40.47
N ILE F 77 -24.06 2.21 -39.76
CA ILE F 77 -22.76 2.41 -40.37
C ILE F 77 -22.26 1.04 -40.81
N LEU F 78 -21.98 0.93 -42.09
CA LEU F 78 -21.38 -0.28 -42.64
C LEU F 78 -20.05 0.14 -43.21
N THR F 79 -18.97 -0.17 -42.49
CA THR F 79 -17.70 0.45 -42.79
C THR F 79 -16.58 -0.53 -42.76
N ALA F 80 -15.46 -0.09 -43.29
CA ALA F 80 -14.27 -0.89 -43.25
C ALA F 80 -13.43 -0.52 -42.03
N ARG F 81 -13.89 0.41 -41.21
CA ARG F 81 -13.05 0.82 -40.08
C ARG F 81 -13.39 -0.04 -38.87
N ASP F 82 -12.48 -0.97 -38.57
CA ASP F 82 -12.77 -2.04 -37.62
C ASP F 82 -12.22 -1.92 -36.21
N THR F 83 -11.44 -0.87 -35.96
CA THR F 83 -10.84 -0.71 -34.65
C THR F 83 -11.99 -0.51 -33.69
N LEU F 84 -11.81 -0.95 -32.45
CA LEU F 84 -12.79 -0.66 -31.40
C LEU F 84 -13.09 0.85 -31.31
N GLU F 85 -12.08 1.67 -31.54
CA GLU F 85 -12.27 3.12 -31.51
C GLU F 85 -13.22 3.57 -32.60
N ASP F 86 -13.15 2.95 -33.78
CA ASP F 86 -14.02 3.33 -34.89
C ASP F 86 -15.42 2.91 -34.54
N ARG F 87 -15.50 1.71 -33.96
CA ARG F 87 -16.76 1.10 -33.60
C ARG F 87 -17.54 2.00 -32.62
N ILE F 88 -16.86 2.38 -31.54
CA ILE F 88 -17.47 3.20 -30.52
C ILE F 88 -17.76 4.59 -31.03
N SER F 89 -16.78 5.21 -31.68
CA SER F 89 -16.92 6.57 -32.17
C SER F 89 -18.10 6.68 -33.13
N GLY F 90 -18.35 5.62 -33.90
CA GLY F 90 -19.46 5.64 -34.83
C GLY F 90 -20.76 5.72 -34.06
N LEU F 91 -20.86 4.90 -33.01
CA LEU F 91 -22.06 4.83 -32.19
C LEU F 91 -22.26 6.07 -31.34
N ASP F 92 -21.16 6.71 -30.93
CA ASP F 92 -21.32 7.89 -30.11
C ASP F 92 -21.58 9.11 -30.98
N THR F 93 -21.28 8.99 -32.27
CA THR F 93 -21.60 10.04 -33.25
C THR F 93 -23.08 9.88 -33.47
N GLY F 94 -23.59 8.73 -33.02
CA GLY F 94 -25.01 8.48 -32.95
C GLY F 94 -25.61 7.47 -33.89
N ALA F 95 -24.80 6.62 -34.50
CA ALA F 95 -25.39 5.61 -35.35
C ALA F 95 -26.06 4.59 -34.44
N ASP F 96 -27.01 3.84 -34.96
CA ASP F 96 -27.70 2.85 -34.14
C ASP F 96 -27.15 1.43 -34.22
N ASP F 97 -26.25 1.20 -35.16
CA ASP F 97 -25.54 -0.08 -35.22
C ASP F 97 -24.29 0.13 -36.03
N TYR F 98 -23.30 -0.73 -35.85
CA TYR F 98 -22.04 -0.56 -36.55
C TYR F 98 -21.64 -1.93 -37.03
N LEU F 99 -21.50 -2.11 -38.33
CA LEU F 99 -21.20 -3.43 -38.86
C LEU F 99 -19.91 -3.39 -39.67
N VAL F 100 -18.95 -4.18 -39.24
CA VAL F 100 -17.61 -4.10 -39.79
C VAL F 100 -17.50 -4.88 -41.09
N LYS F 101 -16.74 -4.35 -42.05
CA LYS F 101 -16.43 -5.03 -43.32
C LYS F 101 -15.21 -5.95 -43.17
N PRO F 102 -15.28 -7.14 -43.77
CA PRO F 102 -16.42 -7.58 -44.57
C PRO F 102 -17.53 -8.08 -43.66
N PHE F 103 -18.66 -8.40 -44.24
CA PHE F 103 -19.83 -8.73 -43.46
C PHE F 103 -20.65 -9.80 -44.14
N ALA F 104 -21.42 -10.55 -43.35
CA ALA F 104 -22.38 -11.44 -43.95
C ALA F 104 -23.51 -10.58 -44.48
N LEU F 105 -23.98 -10.85 -45.69
CA LEU F 105 -25.14 -10.11 -46.17
C LEU F 105 -26.27 -10.43 -45.20
N GLU F 106 -26.38 -11.69 -44.82
CA GLU F 106 -27.50 -12.04 -43.98
C GLU F 106 -27.47 -11.39 -42.60
N GLU F 107 -26.28 -11.09 -42.10
CA GLU F 107 -26.17 -10.34 -40.85
C GLU F 107 -26.67 -8.92 -41.12
N LEU F 108 -26.28 -8.34 -42.25
CA LEU F 108 -26.73 -7.01 -42.55
C LEU F 108 -28.23 -7.00 -42.54
N ASN F 109 -28.83 -7.94 -43.27
CA ASN F 109 -30.28 -8.00 -43.36
C ASN F 109 -31.04 -8.18 -42.06
N ALA F 110 -30.49 -8.97 -41.14
CA ALA F 110 -31.18 -9.28 -39.90
C ALA F 110 -31.11 -8.08 -38.98
N ARG F 111 -29.96 -7.41 -38.98
CA ARG F 111 -29.79 -6.16 -38.23
C ARG F 111 -30.67 -5.04 -38.76
N ILE F 112 -30.74 -4.92 -40.09
CA ILE F 112 -31.63 -3.95 -40.70
C ILE F 112 -33.04 -4.27 -40.30
N ARG F 113 -33.44 -5.51 -40.52
CA ARG F 113 -34.77 -5.95 -40.14
C ARG F 113 -34.98 -5.73 -38.62
N ALA F 114 -33.91 -5.78 -37.82
CA ALA F 114 -34.01 -5.55 -36.37
C ALA F 114 -34.30 -4.10 -35.99
N LEU F 115 -33.85 -3.14 -36.80
CA LEU F 115 -34.09 -1.72 -36.53
C LEU F 115 -35.48 -1.27 -36.93
N LEU F 116 -35.97 -1.86 -38.00
CA LEU F 116 -37.29 -1.57 -38.50
C LEU F 116 -38.39 -2.24 -37.66
N ARG F 117 -38.08 -3.35 -36.98
CA ARG F 117 -39.07 -4.03 -36.15
C ARG F 117 -39.65 -3.11 -35.06
N ARG F 118 -38.77 -2.27 -34.52
CA ARG F 118 -39.09 -1.37 -33.43
C ARG F 118 -40.05 -0.30 -33.97
N HIS F 119 -39.83 0.06 -35.24
CA HIS F 119 -40.47 1.14 -35.99
C HIS F 119 -42.01 1.09 -35.89
N ASN F 120 -42.57 -0.08 -36.15
CA ASN F 120 -44.02 -0.28 -36.29
C ASN F 120 -44.99 -0.15 -35.07
N ASN F 121 -44.55 -0.49 -33.86
CA ASN F 121 -45.45 -0.65 -32.69
C ASN F 121 -46.52 0.43 -32.36
N GLN F 122 -46.13 1.70 -32.17
CA GLN F 122 -47.04 2.77 -31.73
C GLN F 122 -47.96 2.28 -30.58
N GLY F 123 -47.32 1.97 -29.45
CA GLY F 123 -47.92 1.15 -28.41
C GLY F 123 -49.09 1.63 -27.57
N ASP F 124 -49.03 2.89 -27.14
CA ASP F 124 -49.95 3.44 -26.13
C ASP F 124 -51.46 3.49 -26.38
N ASN F 125 -52.20 3.10 -25.33
CA ASN F 125 -53.65 3.17 -25.26
C ASN F 125 -54.18 4.59 -25.05
N GLU F 126 -54.95 5.10 -26.02
CA GLU F 126 -55.55 6.40 -25.84
C GLU F 126 -57.03 6.51 -26.23
N ILE F 127 -57.66 7.54 -25.68
CA ILE F 127 -59.07 7.84 -25.94
C ILE F 127 -59.30 9.32 -26.20
N SER F 128 -60.03 9.63 -27.27
CA SER F 128 -60.21 11.03 -27.60
C SER F 128 -61.68 11.41 -27.63
N VAL F 129 -61.99 12.49 -26.91
CA VAL F 129 -63.29 13.13 -26.96
C VAL F 129 -63.06 14.60 -27.18
N GLY F 130 -63.46 15.12 -28.33
CA GLY F 130 -63.14 16.50 -28.65
C GLY F 130 -61.64 16.66 -28.59
N ASN F 131 -61.18 17.83 -28.13
CA ASN F 131 -59.74 18.08 -28.07
C ASN F 131 -59.10 17.53 -26.78
N LEU F 132 -59.90 16.86 -25.96
CA LEU F 132 -59.33 16.16 -24.80
C LEU F 132 -58.73 14.82 -25.22
N ARG F 133 -57.46 14.63 -24.91
CA ARG F 133 -56.79 13.38 -25.19
C ARG F 133 -56.55 12.73 -23.84
N LEU F 134 -56.98 11.49 -23.68
CA LEU F 134 -56.78 10.81 -22.42
C LEU F 134 -55.85 9.64 -22.62
N ASN F 135 -54.78 9.61 -21.82
CA ASN F 135 -53.83 8.54 -21.88
C ASN F 135 -54.11 7.62 -20.71
N VAL F 136 -54.72 6.46 -20.98
CA VAL F 136 -55.19 5.56 -19.91
C VAL F 136 -54.06 4.97 -19.09
N THR F 137 -52.94 4.76 -19.76
CA THR F 137 -51.82 4.06 -19.17
C THR F 137 -51.06 4.95 -18.20
N ARG F 138 -50.79 6.20 -18.60
CA ARG F 138 -50.04 7.09 -17.72
C ARG F 138 -50.97 7.69 -16.68
N ARG F 139 -52.28 7.51 -16.92
CA ARG F 139 -53.29 8.26 -16.16
C ARG F 139 -52.92 9.74 -16.32
N LEU F 140 -53.10 10.22 -17.55
CA LEU F 140 -52.78 11.59 -17.92
C LEU F 140 -53.73 12.14 -18.99
N VAL F 141 -54.11 13.42 -18.89
CA VAL F 141 -55.14 14.01 -19.78
C VAL F 141 -54.66 15.31 -20.45
N TRP F 142 -54.97 15.45 -21.74
CA TRP F 142 -54.49 16.55 -22.56
C TRP F 142 -55.57 17.43 -23.14
N LEU F 143 -55.60 18.68 -22.71
CA LEU F 143 -56.45 19.69 -23.36
C LEU F 143 -55.62 20.38 -24.44
N GLY F 144 -56.02 20.15 -25.69
CA GLY F 144 -55.24 20.61 -26.82
C GLY F 144 -53.89 19.91 -26.82
N GLU F 145 -52.85 20.65 -27.14
CA GLU F 145 -51.52 20.08 -27.21
C GLU F 145 -50.83 20.20 -25.86
N THR F 146 -51.59 20.66 -24.89
CA THR F 146 -51.11 20.86 -23.54
C THR F 146 -51.72 19.90 -22.51
N ALA F 147 -51.02 19.69 -21.40
CA ALA F 147 -51.44 18.72 -20.39
C ALA F 147 -52.34 19.38 -19.38
N LEU F 148 -52.92 18.59 -18.48
CA LEU F 148 -53.82 19.18 -17.51
C LEU F 148 -53.40 18.81 -16.11
N ASP F 149 -53.33 19.82 -15.23
CA ASP F 149 -53.13 19.46 -13.86
C ASP F 149 -54.53 19.17 -13.38
N LEU F 150 -54.75 17.91 -13.06
CA LEU F 150 -56.00 17.53 -12.43
C LEU F 150 -55.56 16.99 -11.11
N THR F 151 -56.30 17.27 -10.06
CA THR F 151 -56.05 16.59 -8.81
C THR F 151 -56.41 15.11 -9.07
N PRO F 152 -56.01 14.20 -8.17
CA PRO F 152 -56.31 12.75 -8.31
C PRO F 152 -57.78 12.46 -8.57
N LYS F 153 -58.62 13.07 -7.74
CA LYS F 153 -60.08 13.00 -7.87
C LYS F 153 -60.64 13.67 -9.12
N GLU F 154 -60.13 14.86 -9.45
CA GLU F 154 -60.51 15.48 -10.71
C GLU F 154 -60.24 14.53 -11.90
N TYR F 155 -59.11 13.83 -11.87
CA TYR F 155 -58.81 12.83 -12.89
C TYR F 155 -59.79 11.67 -12.88
N ALA F 156 -60.00 11.05 -11.72
CA ALA F 156 -60.82 9.85 -11.64
C ALA F 156 -62.21 10.09 -12.22
N LEU F 157 -62.63 11.35 -12.19
CA LEU F 157 -63.89 11.76 -12.78
C LEU F 157 -63.81 11.93 -14.28
N LEU F 158 -63.06 12.96 -14.71
CA LEU F 158 -62.95 13.35 -16.12
C LEU F 158 -62.63 12.15 -17.00
N SER F 159 -61.82 11.24 -16.47
CA SER F 159 -61.55 9.97 -17.11
C SER F 159 -62.86 9.19 -17.29
N ARG F 160 -63.53 8.89 -16.19
CA ARG F 160 -64.79 8.16 -16.22
C ARG F 160 -65.80 8.78 -17.17
N LEU F 161 -65.79 10.12 -17.22
CA LEU F 161 -66.71 10.85 -18.08
C LEU F 161 -66.43 10.49 -19.53
N MET F 162 -65.14 10.49 -19.89
CA MET F 162 -64.67 10.16 -21.25
C MET F 162 -64.86 8.67 -21.61
N MET F 163 -64.81 7.80 -20.62
CA MET F 163 -65.09 6.41 -20.85
C MET F 163 -66.51 6.30 -21.35
N LYS F 164 -67.37 7.12 -20.74
CA LYS F 164 -68.80 7.22 -21.05
C LYS F 164 -69.19 8.36 -21.97
N ALA F 165 -68.21 9.07 -22.54
CA ALA F 165 -68.50 10.33 -23.22
C ALA F 165 -69.63 10.26 -24.22
N GLY F 166 -70.55 11.23 -24.10
CA GLY F 166 -71.77 11.29 -24.86
C GLY F 166 -72.97 10.81 -24.08
N SER F 167 -72.74 9.97 -23.08
CA SER F 167 -73.82 9.46 -22.23
C SER F 167 -73.60 9.85 -20.78
N PRO F 168 -74.69 10.20 -20.07
CA PRO F 168 -74.63 10.55 -18.66
C PRO F 168 -74.14 9.39 -17.83
N VAL F 169 -73.21 9.67 -16.93
CA VAL F 169 -72.75 8.67 -15.98
C VAL F 169 -73.57 8.85 -14.72
N HIS F 170 -74.18 7.76 -14.26
CA HIS F 170 -74.99 7.82 -13.07
C HIS F 170 -74.17 8.34 -11.88
N ARG F 171 -74.77 9.19 -11.03
CA ARG F 171 -74.06 9.75 -9.86
C ARG F 171 -73.49 8.69 -8.92
N GLU F 172 -74.27 7.63 -8.76
CA GLU F 172 -73.96 6.53 -7.85
C GLU F 172 -72.61 5.92 -8.22
N ILE F 173 -72.30 5.96 -9.51
CA ILE F 173 -71.03 5.53 -10.09
C ILE F 173 -69.86 6.55 -9.96
N LEU F 174 -70.11 7.83 -10.20
CA LEU F 174 -69.05 8.82 -9.99
C LEU F 174 -68.61 8.84 -8.53
N TYR F 175 -69.56 8.62 -7.63
CA TYR F 175 -69.28 8.63 -6.20
C TYR F 175 -68.29 7.53 -5.84
N ASN F 176 -68.45 6.35 -6.44
CA ASN F 176 -67.55 5.25 -6.17
C ASN F 176 -66.17 5.53 -6.70
N ASP F 177 -66.12 6.35 -7.74
CA ASP F 177 -64.88 6.77 -8.32
C ASP F 177 -64.21 7.84 -7.46
N ILE F 178 -65.00 8.63 -6.73
CA ILE F 178 -64.42 9.72 -5.94
C ILE F 178 -64.16 9.42 -4.46
N TYR F 179 -64.67 8.29 -3.99
CA TYR F 179 -64.49 7.93 -2.59
C TYR F 179 -64.02 6.51 -2.48
N SER F 180 -63.24 6.24 -1.45
CA SER F 180 -62.86 4.87 -1.17
C SER F 180 -64.18 4.20 -0.73
N GLY F 181 -65.04 4.91 0.02
CA GLY F 181 -64.67 6.01 0.92
C GLY F 181 -64.23 5.69 2.35
N ASP F 182 -65.01 4.82 3.03
CA ASP F 182 -66.35 4.51 2.54
C ASP F 182 -67.38 5.47 3.13
N ASN F 183 -67.84 6.34 2.25
CA ASN F 183 -68.87 7.34 2.48
C ASN F 183 -69.54 7.46 1.13
N GLU F 184 -70.85 7.58 1.06
CA GLU F 184 -71.44 7.67 -0.28
C GLU F 184 -72.43 8.81 -0.53
N PRO F 185 -71.97 10.07 -0.36
CA PRO F 185 -70.99 10.71 0.53
C PRO F 185 -71.65 11.37 1.75
N ALA F 186 -70.87 12.07 2.57
CA ALA F 186 -71.46 12.91 3.63
C ALA F 186 -71.96 14.26 3.10
N THR F 187 -71.12 14.99 2.37
CA THR F 187 -71.51 16.28 1.79
C THR F 187 -71.61 16.26 0.25
N ASN F 188 -71.82 17.41 -0.39
CA ASN F 188 -71.93 17.38 -1.84
C ASN F 188 -70.50 17.44 -2.27
N THR F 189 -69.88 16.28 -2.35
CA THR F 189 -68.47 16.31 -2.56
C THR F 189 -68.23 16.44 -4.04
N LEU F 190 -68.99 15.63 -4.77
CA LEU F 190 -68.89 15.51 -6.20
C LEU F 190 -69.14 16.85 -6.91
N GLU F 191 -70.17 17.56 -6.46
CA GLU F 191 -70.61 18.81 -7.09
C GLU F 191 -69.52 19.84 -7.12
N VAL F 192 -68.64 19.76 -6.13
CA VAL F 192 -67.53 20.69 -6.05
C VAL F 192 -66.47 20.34 -7.07
N HIS F 193 -66.11 19.05 -7.11
CA HIS F 193 -65.07 18.61 -8.03
C HIS F 193 -65.45 18.97 -9.44
N ILE F 194 -66.71 18.75 -9.78
CA ILE F 194 -67.18 19.08 -11.11
C ILE F 194 -67.06 20.57 -11.34
N HIS F 195 -67.21 21.37 -10.29
CA HIS F 195 -67.05 22.82 -10.45
C HIS F 195 -65.62 23.11 -10.85
N ASN F 196 -64.69 22.55 -10.08
CA ASN F 196 -63.26 22.72 -10.31
C ASN F 196 -62.86 22.18 -11.68
N LEU F 197 -63.25 20.93 -11.91
CA LEU F 197 -63.09 20.27 -13.20
C LEU F 197 -63.56 21.21 -14.30
N ARG F 198 -64.74 21.80 -14.11
CA ARG F 198 -65.27 22.79 -15.04
C ARG F 198 -64.34 23.98 -15.20
N GLU F 199 -63.85 24.53 -14.11
CA GLU F 199 -63.02 25.71 -14.26
C GLU F 199 -61.77 25.36 -15.06
N LYS F 200 -61.33 24.12 -14.92
CA LYS F 200 -60.19 23.61 -15.68
C LYS F 200 -60.48 23.24 -17.17
N ILE F 201 -61.55 22.50 -17.45
CA ILE F 201 -61.80 21.98 -18.81
C ILE F 201 -62.21 22.99 -19.91
N GLY F 202 -63.41 23.58 -19.90
CA GLY F 202 -64.48 23.43 -18.93
C GLY F 202 -65.43 24.59 -19.01
N LYS F 203 -66.52 24.52 -18.25
CA LYS F 203 -67.50 25.59 -18.19
C LYS F 203 -67.85 26.10 -19.59
N SER F 204 -68.53 25.27 -20.38
CA SER F 204 -68.86 23.91 -19.98
C SER F 204 -68.65 22.90 -21.10
N ARG F 205 -67.71 22.00 -20.92
CA ARG F 205 -67.67 20.81 -21.77
C ARG F 205 -68.39 19.69 -21.02
N ILE F 206 -68.65 19.93 -19.73
CA ILE F 206 -69.46 19.02 -18.92
C ILE F 206 -70.86 19.59 -18.69
N ARG F 207 -71.88 18.83 -19.09
CA ARG F 207 -73.28 19.20 -18.96
C ARG F 207 -73.99 18.40 -17.88
N THR F 208 -74.76 19.07 -17.02
CA THR F 208 -75.41 18.43 -15.86
C THR F 208 -76.75 17.76 -16.21
N VAL F 209 -76.97 16.53 -15.74
CA VAL F 209 -78.24 15.87 -16.02
C VAL F 209 -79.04 15.64 -14.74
N ARG F 210 -80.08 16.44 -14.52
CA ARG F 210 -80.72 16.52 -13.21
C ARG F 210 -81.30 15.19 -12.73
N GLY F 211 -81.11 14.91 -11.44
CA GLY F 211 -81.61 13.69 -10.85
C GLY F 211 -80.84 12.46 -11.30
N PHE F 212 -79.89 12.66 -12.21
CA PHE F 212 -79.12 11.52 -12.69
C PHE F 212 -77.65 11.62 -12.42
N GLY F 213 -76.99 12.59 -13.03
CA GLY F 213 -75.56 12.63 -12.95
C GLY F 213 -74.97 13.67 -13.87
N TYR F 214 -73.73 13.44 -14.25
CA TYR F 214 -73.05 14.32 -15.18
C TYR F 214 -72.68 13.61 -16.48
N MET F 215 -72.41 14.41 -17.50
CA MET F 215 -72.09 13.89 -18.82
C MET F 215 -71.13 14.84 -19.54
N LEU F 216 -70.43 14.29 -20.52
CA LEU F 216 -69.38 15.04 -21.20
C LEU F 216 -69.72 15.20 -22.68
N ALA F 217 -69.51 16.40 -23.19
CA ALA F 217 -69.90 16.73 -24.55
C ALA F 217 -68.75 16.50 -25.51
N ASN F 218 -69.04 15.82 -26.63
CA ASN F 218 -68.03 15.55 -27.67
C ASN F 218 -68.10 16.57 -28.82
N ASN F 219 -69.08 17.46 -28.70
CA ASN F 219 -69.29 18.60 -29.60
C ASN F 219 -69.18 18.29 -31.10
BE BEF I . 58.88 9.09 29.90
F1 BEF I . 59.49 10.40 29.36
F2 BEF I . 58.39 9.31 31.37
F3 BEF I . 59.99 8.00 29.98
MG MG J . 59.44 10.42 27.16
BE BEF K . 52.87 -15.51 48.71
F1 BEF K . 53.53 -15.76 47.35
F2 BEF K . 53.08 -16.73 49.68
F3 BEF K . 53.75 -14.42 49.39
MG MG L . 51.40 -17.09 51.17
BE BEF M . -23.35 -17.53 -22.47
F1 BEF M . -23.16 -18.81 -21.63
F2 BEF M . -23.84 -18.05 -23.88
F3 BEF M . -21.95 -16.93 -22.79
MG MG N . -24.27 -18.61 -19.60
BE BEF O . -15.55 2.50 -46.11
F1 BEF O . -15.01 3.05 -44.78
F2 BEF O . -14.69 3.19 -47.23
F3 BEF O . -15.18 1.00 -46.06
MG MG P . -15.91 3.72 -49.01
#